data_4KHU
#
_entry.id   4KHU
#
_cell.length_a   80.977
_cell.length_b   119.350
_cell.length_c   127.860
_cell.angle_alpha   90.00
_cell.angle_beta   90.00
_cell.angle_gamma   90.00
#
_symmetry.space_group_name_H-M   'P 21 21 21'
#
loop_
_entity.id
_entity.type
_entity.pdbx_description
1 polymer 'DNA polymerase'
2 polymer "DNA/RNA (5'-D(*AP*CP*A)-R(P*G)-D(P*GP*TP*AP*AP*GP*CP*AP*GP*TP*CP*CP*GP*CP*G)-3')"
3 polymer "DNA (5'-D(*GP*CP*GP*GP*AP*CP*TP*GP*CP*TP*TP*AP*CP*C)-3')"
4 non-polymer "THYMIDINE-5'-TRIPHOSPHATE"
5 non-polymer 'CALCIUM ION'
6 non-polymer 'SODIUM ION'
7 water water
#
loop_
_entity_poly.entity_id
_entity_poly.type
_entity_poly.pdbx_seq_one_letter_code
_entity_poly.pdbx_strand_id
1 'polypeptide(L)'
;MKEFYLTVEQIGDSIFERYIDSNGRERTREVEYKPSLFAHCPESQATKYFDIYGKPCTRKLFANMRDASQWIKRMEDIGL
EALGMDDFKLAYLSDTYNYEIKYDHTKIRVANFDIEVTSPDGFPEPSQAKHPIDAITHYDSIDDRFYVFDLLNSPYGNVE
EWSIEIAAKLQEQGGDEVPSEIIDKIIYMPFDNEKELLMEYLNFWQQKTPVILTGWNVESFAIPYVYNRIKNIFGESTAK
RLSPHRKTRVKVIENMYGSREIITLFGISVLDYIDLYKKFSFTNQPSYSLDYISEFELNVGKLKYDGPISKLRESNHQRY
ISYNIIAVYRVLQIDAKRQFINLSLDMGYYAKIQIQSVFSPIKTWDAIIFNSLKEQNKVIPQGRSHPVQPYPGAFVKEPI
PNRYKYVMSFDLTSFYPSIIRQVNISPETIAGTFKVAPLHDYINAVAERPSDVYSCSPNGMMYYKDRDGVVPTEITKVFN
QRKEHKGYMLAAQRNGEIIKEALHNPNLSVDEPLDVDYRFDFSDEIKEKIKKLSAKSLNEMLFRAQRTEVAGMTAQINRK
LLINSLYGALGNVWFRYYDLRNATAITTFGQMALQWIERKVNEYLNEVCGTEGEAFVLYGDTDSIYVSADKIIDKVGESK
FRDTNHWVDFLDKFARERMEPAIDRGFREMCEYMNNKQHLMFMDREAIAGPPLGSKGIGGFWTGKKRYALNVWDMEGTRY
AEPKLKIMGLETQKSSTPKAVQKALKECIRRMLQEGEESLQEYFKEFEKEFRQLNYISIASVSSANNIAKYDVGGFPGPK
CPFHIRGILTYNRAIKGNIDAPQVVEGEKVYVLPLREGNPFGDKCIAWPSGTEITDLIKDDVLHWMDYTVLLEKTFIKPL
EGFTSAAKLDYEKKASLFDMFDF
;
A
2 'polydeoxyribonucleotide/polyribonucleotide hybrid' (DA)(DC)(DA)G(DG)(DT)(DA)(DA)(DG)(DC)(DA)(DG)(DT)(DC)(DC)(DG)(DC)(DG) T
3 'polydeoxyribonucleotide' (DG)(DC)(DG)(DG)(DA)(DC)(DT)(DG)(DC)(DT)(DT)(DA)(DC)(DC) P
#
loop_
_chem_comp.id
_chem_comp.type
_chem_comp.name
_chem_comp.formula
CA non-polymer 'CALCIUM ION' 'Ca 2'
DA DNA linking 2'-DEOXYADENOSINE-5'-MONOPHOSPHATE 'C10 H14 N5 O6 P'
DC DNA linking 2'-DEOXYCYTIDINE-5'-MONOPHOSPHATE 'C9 H14 N3 O7 P'
DG DNA linking 2'-DEOXYGUANOSINE-5'-MONOPHOSPHATE 'C10 H14 N5 O7 P'
DT DNA linking THYMIDINE-5'-MONOPHOSPHATE 'C10 H15 N2 O8 P'
G RNA linking GUANOSINE-5'-MONOPHOSPHATE 'C10 H14 N5 O8 P'
NA non-polymer 'SODIUM ION' 'Na 1'
TTP non-polymer THYMIDINE-5'-TRIPHOSPHATE 'C10 H17 N2 O14 P3'
#
# COMPACT_ATOMS: atom_id res chain seq x y z
N MET A 1 -9.20 -13.45 31.14
CA MET A 1 -8.56 -12.49 30.25
C MET A 1 -9.30 -11.16 30.34
N LYS A 2 -8.60 -10.09 29.99
CA LYS A 2 -9.23 -8.76 29.93
C LYS A 2 -10.32 -8.72 28.86
N GLU A 3 -11.35 -7.92 29.08
CA GLU A 3 -12.40 -7.76 28.06
C GLU A 3 -11.89 -6.90 26.90
N PHE A 4 -12.55 -7.03 25.75
CA PHE A 4 -12.28 -6.17 24.60
C PHE A 4 -13.49 -6.02 23.70
N TYR A 5 -13.66 -4.81 23.16
CA TYR A 5 -14.78 -4.53 22.30
C TYR A 5 -14.56 -5.21 20.95
N LEU A 6 -15.65 -5.43 20.21
CA LEU A 6 -15.56 -5.94 18.87
C LEU A 6 -16.03 -4.83 17.98
N THR A 7 -17.21 -4.30 18.28
CA THR A 7 -17.81 -3.20 17.54
C THR A 7 -18.54 -2.23 18.46
N VAL A 8 -18.56 -0.96 18.10
CA VAL A 8 -19.37 0.03 18.80
C VAL A 8 -20.09 0.92 17.81
N GLU A 9 -21.32 1.29 18.13
CA GLU A 9 -22.07 2.25 17.34
C GLU A 9 -22.82 3.20 18.28
N GLN A 10 -23.20 4.37 17.75
CA GLN A 10 -24.07 5.28 18.47
C GLN A 10 -25.38 5.36 17.73
N ILE A 11 -26.46 5.04 18.43
CA ILE A 11 -27.80 5.14 17.86
C ILE A 11 -28.67 5.97 18.79
N GLY A 12 -28.94 7.21 18.39
CA GLY A 12 -29.58 8.17 19.27
C GLY A 12 -28.74 8.34 20.54
N ASP A 13 -29.39 8.24 21.69
CA ASP A 13 -28.71 8.39 22.97
C ASP A 13 -28.14 7.06 23.47
N SER A 14 -28.09 6.07 22.60
CA SER A 14 -27.58 4.77 22.98
C SER A 14 -26.27 4.41 22.27
N ILE A 15 -25.34 3.88 23.06
CA ILE A 15 -24.18 3.18 22.54
C ILE A 15 -24.52 1.70 22.47
N PHE A 16 -24.42 1.11 21.28
CA PHE A 16 -24.53 -0.33 21.12
C PHE A 16 -23.13 -0.91 20.94
N GLU A 17 -22.72 -1.78 21.87
CA GLU A 17 -21.41 -2.41 21.80
C GLU A 17 -21.56 -3.93 21.70
N ARG A 18 -20.70 -4.55 20.88
CA ARG A 18 -20.47 -5.97 20.94
C ARG A 18 -19.10 -6.13 21.53
N TYR A 19 -18.94 -7.04 22.49
CA TYR A 19 -17.65 -7.23 23.16
C TYR A 19 -17.43 -8.68 23.58
N ILE A 20 -16.19 -9.00 23.91
CA ILE A 20 -15.83 -10.29 24.49
C ILE A 20 -15.59 -10.08 25.99
N ASP A 21 -16.41 -10.72 26.82
CA ASP A 21 -16.29 -10.57 28.28
C ASP A 21 -15.07 -11.30 28.88
N SER A 22 -14.93 -11.24 30.19
CA SER A 22 -13.72 -11.80 30.83
C SER A 22 -13.70 -13.33 30.77
N ASN A 23 -14.81 -13.94 30.37
CA ASN A 23 -14.88 -15.38 30.17
C ASN A 23 -14.89 -15.73 28.68
N GLY A 24 -14.58 -14.74 27.85
CA GLY A 24 -14.34 -14.97 26.45
C GLY A 24 -15.58 -15.23 25.61
N ARG A 25 -16.75 -14.96 26.17
CA ARG A 25 -18.00 -15.08 25.43
C ARG A 25 -18.37 -13.75 24.77
N GLU A 26 -19.04 -13.82 23.62
CA GLU A 26 -19.43 -12.60 22.93
C GLU A 26 -20.77 -12.09 23.43
N ARG A 27 -20.79 -10.85 23.91
CA ARG A 27 -22.02 -10.26 24.42
C ARG A 27 -22.38 -9.02 23.60
N THR A 28 -23.54 -8.45 23.91
CA THR A 28 -23.94 -7.21 23.30
C THR A 28 -24.68 -6.46 24.38
N ARG A 29 -24.36 -5.18 24.52
CA ARG A 29 -25.05 -4.31 25.46
C ARG A 29 -25.41 -2.97 24.84
N GLU A 30 -26.51 -2.40 25.31
CA GLU A 30 -26.91 -1.06 24.94
C GLU A 30 -26.69 -0.21 26.17
N VAL A 31 -25.85 0.82 26.04
CA VAL A 31 -25.53 1.68 27.15
C VAL A 31 -26.03 3.09 26.87
N GLU A 32 -26.84 3.64 27.77
CA GLU A 32 -27.24 5.03 27.67
C GLU A 32 -26.11 5.88 28.22
N TYR A 33 -25.13 6.14 27.37
CA TYR A 33 -23.86 6.75 27.75
C TYR A 33 -24.03 8.22 28.09
N LYS A 34 -23.44 8.64 29.21
CA LYS A 34 -23.48 10.06 29.58
C LYS A 34 -22.10 10.65 29.36
N PRO A 35 -21.95 11.41 28.29
CA PRO A 35 -20.63 11.94 27.90
C PRO A 35 -20.31 13.23 28.64
N SER A 36 -19.04 13.61 28.66
CA SER A 36 -18.65 14.92 29.18
C SER A 36 -17.97 15.72 28.06
N LEU A 37 -18.22 17.02 28.02
CA LEU A 37 -17.41 17.95 27.23
C LEU A 37 -17.03 19.07 28.19
N PHE A 38 -16.21 20.04 27.74
CA PHE A 38 -15.60 21.00 28.65
C PHE A 38 -15.66 22.44 28.14
N ALA A 39 -15.76 23.38 29.08
CA ALA A 39 -15.72 24.81 28.77
C ALA A 39 -14.57 25.46 29.54
N HIS A 40 -13.91 26.44 28.96
CA HIS A 40 -12.89 27.17 29.70
C HIS A 40 -13.54 27.79 30.92
N CYS A 41 -12.79 27.93 31.99
CA CYS A 41 -13.36 28.51 33.20
C CYS A 41 -12.36 29.45 33.85
N PRO A 42 -12.82 30.30 34.80
CA PRO A 42 -11.94 31.27 35.46
C PRO A 42 -10.79 30.55 36.14
N GLU A 43 -9.62 31.18 36.25
CA GLU A 43 -8.49 30.54 36.94
C GLU A 43 -8.75 30.33 38.43
N SER A 44 -9.72 31.07 38.96
CA SER A 44 -10.08 30.99 40.37
C SER A 44 -10.81 29.69 40.67
N GLN A 45 -11.39 29.07 39.65
CA GLN A 45 -12.14 27.85 39.86
C GLN A 45 -11.23 26.63 39.79
N ALA A 46 -10.75 26.18 40.94
CA ALA A 46 -9.87 25.01 41.03
C ALA A 46 -10.47 23.82 40.29
N THR A 47 -9.61 23.05 39.62
CA THR A 47 -10.09 21.91 38.86
C THR A 47 -8.93 20.96 38.55
N LYS A 48 -9.25 19.77 38.06
CA LYS A 48 -8.21 18.86 37.62
C LYS A 48 -8.06 18.85 36.10
N TYR A 49 -8.97 19.54 35.41
CA TYR A 49 -8.91 19.61 33.96
C TYR A 49 -8.30 20.90 33.40
N PHE A 50 -7.40 20.72 32.43
CA PHE A 50 -6.78 21.84 31.72
C PHE A 50 -6.71 21.50 30.24
N ASP A 51 -6.84 22.50 29.36
CA ASP A 51 -6.55 22.27 27.95
C ASP A 51 -5.04 22.10 27.75
N ILE A 52 -4.63 21.73 26.54
CA ILE A 52 -3.23 21.40 26.30
C ILE A 52 -2.35 22.62 26.47
N TYR A 53 -2.97 23.79 26.52
CA TYR A 53 -2.27 25.05 26.72
C TYR A 53 -2.24 25.48 28.19
N GLY A 54 -2.77 24.63 29.06
CA GLY A 54 -2.71 24.89 30.50
C GLY A 54 -3.85 25.72 31.06
N LYS A 55 -4.78 26.13 30.20
CA LYS A 55 -5.97 26.87 30.65
C LYS A 55 -6.98 25.92 31.29
N PRO A 56 -7.48 26.28 32.47
CA PRO A 56 -8.44 25.44 33.21
C PRO A 56 -9.79 25.32 32.50
N CYS A 57 -10.49 24.21 32.70
CA CYS A 57 -11.79 23.94 32.11
C CYS A 57 -12.68 23.36 33.20
N THR A 58 -14.00 23.50 33.03
CA THR A 58 -14.97 22.79 33.83
C THR A 58 -15.52 21.65 32.99
N ARG A 59 -15.67 20.48 33.60
CA ARG A 59 -16.33 19.35 32.95
C ARG A 59 -17.84 19.50 33.03
N LYS A 60 -18.49 19.34 31.89
CA LYS A 60 -19.94 19.35 31.81
C LYS A 60 -20.39 17.92 31.60
N LEU A 61 -21.13 17.33 32.53
CA LEU A 61 -21.67 16.00 32.28
C LEU A 61 -23.08 16.16 31.73
N PHE A 62 -23.40 15.39 30.71
CA PHE A 62 -24.73 15.51 30.11
C PHE A 62 -25.61 14.30 30.41
N ALA A 63 -26.92 14.54 30.43
CA ALA A 63 -27.91 13.48 30.66
C ALA A 63 -27.86 12.43 29.54
N ASN A 64 -27.52 12.86 28.34
CA ASN A 64 -27.44 11.97 27.19
C ASN A 64 -26.63 12.61 26.08
N MET A 65 -26.28 11.82 25.08
CA MET A 65 -25.45 12.31 23.98
C MET A 65 -26.14 13.43 23.21
N ARG A 66 -27.46 13.32 23.05
CA ARG A 66 -28.23 14.38 22.40
C ARG A 66 -28.04 15.74 23.07
N ASP A 67 -28.16 15.80 24.40
CA ASP A 67 -27.95 17.07 25.11
C ASP A 67 -26.52 17.57 24.91
N ALA A 68 -25.56 16.65 24.84
CA ALA A 68 -24.18 17.08 24.61
C ALA A 68 -24.06 17.77 23.24
N SER A 69 -24.70 17.19 22.22
CA SER A 69 -24.61 17.73 20.87
C SER A 69 -25.26 19.11 20.77
N GLN A 70 -26.43 19.26 21.39
CA GLN A 70 -27.17 20.51 21.36
C GLN A 70 -26.38 21.60 22.09
N TRP A 71 -25.69 21.23 23.15
CA TRP A 71 -24.85 22.17 23.86
C TRP A 71 -23.69 22.61 23.01
N ILE A 72 -23.23 21.74 22.11
CA ILE A 72 -22.13 22.13 21.23
C ILE A 72 -22.59 23.23 20.29
N LYS A 73 -23.79 23.08 19.74
CA LYS A 73 -24.33 24.07 18.81
C LYS A 73 -24.54 25.37 19.54
N ARG A 74 -25.15 25.31 20.73
CA ARG A 74 -25.36 26.52 21.51
C ARG A 74 -24.06 27.28 21.71
N MET A 75 -23.00 26.54 22.04
CA MET A 75 -21.71 27.18 22.31
C MET A 75 -21.22 27.92 21.07
N GLU A 76 -21.50 27.38 19.89
CA GLU A 76 -21.13 28.09 18.67
C GLU A 76 -22.01 29.33 18.49
N ASP A 77 -23.29 29.20 18.83
CA ASP A 77 -24.23 30.32 18.76
C ASP A 77 -23.80 31.46 19.68
N ILE A 78 -23.07 31.11 20.74
CA ILE A 78 -22.57 32.08 21.70
C ILE A 78 -21.22 32.63 21.22
N GLY A 79 -20.40 31.75 20.67
CA GLY A 79 -19.09 32.14 20.16
C GLY A 79 -17.96 31.67 21.06
N LEU A 80 -18.15 30.54 21.74
CA LEU A 80 -17.15 30.04 22.67
C LEU A 80 -16.78 28.60 22.36
N GLU A 81 -15.52 28.24 22.60
CA GLU A 81 -15.03 26.89 22.36
C GLU A 81 -15.73 25.84 23.24
N ALA A 82 -16.18 24.77 22.60
CA ALA A 82 -16.66 23.60 23.33
C ALA A 82 -15.62 22.50 23.16
N LEU A 83 -14.84 22.26 24.22
CA LEU A 83 -13.72 21.33 24.17
C LEU A 83 -14.11 19.89 24.51
N GLY A 84 -13.25 18.95 24.10
CA GLY A 84 -13.45 17.55 24.42
C GLY A 84 -13.77 16.70 23.20
N MET A 85 -13.85 15.39 23.40
CA MET A 85 -14.11 14.45 22.32
C MET A 85 -15.56 14.47 21.89
N ASP A 86 -15.80 14.93 20.67
CA ASP A 86 -17.14 15.08 20.16
C ASP A 86 -17.63 13.81 19.46
N ASP A 87 -16.71 12.88 19.17
CA ASP A 87 -17.13 11.57 18.67
C ASP A 87 -17.32 10.74 19.92
N PHE A 88 -18.58 10.62 20.37
CA PHE A 88 -18.89 10.02 21.67
C PHE A 88 -18.51 8.55 21.82
N LYS A 89 -18.52 7.80 20.72
CA LYS A 89 -18.16 6.39 20.82
C LYS A 89 -16.67 6.19 21.04
N LEU A 90 -15.86 7.16 20.58
CA LEU A 90 -14.45 7.15 20.93
C LEU A 90 -14.26 7.47 22.42
N ALA A 91 -15.11 8.34 22.96
CA ALA A 91 -15.09 8.62 24.40
C ALA A 91 -15.52 7.38 25.17
N TYR A 92 -16.64 6.80 24.73
CA TYR A 92 -17.15 5.58 25.32
C TYR A 92 -16.05 4.51 25.37
N LEU A 93 -15.42 4.23 24.23
CA LEU A 93 -14.36 3.23 24.19
C LEU A 93 -13.23 3.58 25.15
N SER A 94 -12.88 4.86 25.22
CA SER A 94 -11.78 5.28 26.09
C SER A 94 -12.13 5.06 27.56
N ASP A 95 -13.38 5.38 27.92
CA ASP A 95 -13.84 5.20 29.29
C ASP A 95 -13.85 3.71 29.61
N THR A 96 -14.50 2.95 28.73
CA THR A 96 -14.74 1.53 28.93
C THR A 96 -13.46 0.69 28.95
N TYR A 97 -12.48 1.06 28.13
CA TYR A 97 -11.25 0.30 27.94
C TYR A 97 -10.03 1.12 28.34
N ASN A 98 -10.03 1.51 29.62
CA ASN A 98 -8.97 2.34 30.20
C ASN A 98 -7.68 1.56 30.48
N TYR A 99 -7.21 0.83 29.49
CA TYR A 99 -5.96 0.08 29.60
C TYR A 99 -5.45 -0.32 28.21
N GLU A 100 -4.25 -0.89 28.16
CA GLU A 100 -3.72 -1.36 26.88
C GLU A 100 -4.51 -2.60 26.48
N ILE A 101 -5.32 -2.51 25.43
CA ILE A 101 -6.17 -3.62 25.05
C ILE A 101 -5.35 -4.80 24.53
N LYS A 102 -5.55 -5.96 25.15
CA LYS A 102 -5.00 -7.22 24.65
C LYS A 102 -6.15 -8.00 24.08
N TYR A 103 -6.12 -8.25 22.78
CA TYR A 103 -7.23 -8.92 22.15
C TYR A 103 -6.88 -10.35 21.79
N ASP A 104 -7.90 -11.19 21.67
CA ASP A 104 -7.70 -12.57 21.25
C ASP A 104 -8.42 -12.73 19.93
N HIS A 105 -7.64 -12.71 18.84
CA HIS A 105 -8.18 -12.71 17.50
C HIS A 105 -9.02 -13.96 17.21
N THR A 106 -8.70 -15.07 17.86
CA THR A 106 -9.48 -16.28 17.66
C THR A 106 -10.93 -16.14 18.19
N LYS A 107 -11.15 -15.13 19.03
CA LYS A 107 -12.49 -14.88 19.58
C LYS A 107 -13.30 -13.96 18.67
N ILE A 108 -12.63 -13.36 17.69
CA ILE A 108 -13.28 -12.41 16.77
C ILE A 108 -13.78 -13.09 15.52
N ARG A 109 -15.08 -12.97 15.24
CA ARG A 109 -15.63 -13.63 14.06
C ARG A 109 -15.29 -12.85 12.79
N VAL A 110 -14.33 -13.37 12.03
CA VAL A 110 -14.03 -12.81 10.70
C VAL A 110 -14.69 -13.65 9.62
N ALA A 111 -15.59 -13.00 8.88
CA ALA A 111 -16.30 -13.62 7.78
C ALA A 111 -15.79 -13.10 6.45
N ASN A 112 -15.52 -14.02 5.54
CA ASN A 112 -15.12 -13.72 4.16
CA ASN A 112 -15.15 -13.66 4.17
C ASN A 112 -16.21 -14.26 3.26
N PHE A 113 -16.82 -13.43 2.41
CA PHE A 113 -17.82 -13.96 1.50
C PHE A 113 -17.78 -13.42 0.09
N ASP A 114 -18.50 -14.11 -0.79
CA ASP A 114 -18.54 -13.76 -2.18
C ASP A 114 -19.85 -14.34 -2.73
N ILE A 115 -20.51 -13.59 -3.60
CA ILE A 115 -21.80 -14.00 -4.16
C ILE A 115 -21.71 -14.06 -5.67
N GLU A 116 -22.58 -14.85 -6.30
CA GLU A 116 -22.62 -14.85 -7.74
C GLU A 116 -24.02 -14.45 -8.16
N VAL A 117 -24.10 -13.71 -9.26
CA VAL A 117 -25.37 -13.25 -9.78
C VAL A 117 -25.32 -13.40 -11.29
N THR A 118 -26.10 -14.33 -11.85
CA THR A 118 -26.15 -14.43 -13.31
C THR A 118 -27.02 -13.34 -13.85
N SER A 119 -26.46 -12.55 -14.75
CA SER A 119 -27.20 -11.49 -15.43
C SER A 119 -26.97 -11.58 -16.92
N PRO A 120 -28.06 -11.64 -17.70
CA PRO A 120 -27.94 -11.60 -19.16
C PRO A 120 -27.85 -10.17 -19.67
N ASP A 121 -28.46 -9.24 -18.92
CA ASP A 121 -28.50 -7.83 -19.31
C ASP A 121 -27.32 -7.05 -18.76
N GLY A 122 -26.11 -7.57 -18.95
CA GLY A 122 -24.93 -6.87 -18.48
C GLY A 122 -24.68 -6.98 -16.99
N PHE A 123 -23.93 -6.03 -16.46
CA PHE A 123 -23.49 -6.03 -15.06
C PHE A 123 -24.64 -5.71 -14.11
N PRO A 124 -24.89 -6.58 -13.14
CA PRO A 124 -26.07 -6.40 -12.27
C PRO A 124 -25.93 -5.30 -11.23
N GLU A 125 -26.46 -4.11 -11.51
CA GLU A 125 -26.35 -2.98 -10.58
C GLU A 125 -26.84 -3.33 -9.20
N PRO A 126 -25.98 -3.16 -8.18
CA PRO A 126 -26.45 -3.49 -6.83
C PRO A 126 -27.66 -2.67 -6.36
N SER A 127 -27.77 -1.40 -6.76
CA SER A 127 -28.91 -0.59 -6.33
C SER A 127 -30.22 -1.19 -6.81
N GLN A 128 -30.19 -1.83 -7.98
CA GLN A 128 -31.37 -2.46 -8.56
C GLN A 128 -31.60 -3.91 -8.09
N ALA A 129 -30.53 -4.72 -8.12
CA ALA A 129 -30.66 -6.13 -7.78
C ALA A 129 -31.82 -6.79 -8.53
N LYS A 130 -31.85 -6.62 -9.85
CA LYS A 130 -32.92 -7.18 -10.67
C LYS A 130 -32.84 -8.70 -10.74
N HIS A 131 -31.65 -9.26 -10.60
CA HIS A 131 -31.45 -10.68 -10.87
C HIS A 131 -31.19 -11.52 -9.64
N PRO A 132 -31.62 -12.80 -9.67
CA PRO A 132 -31.42 -13.67 -8.51
C PRO A 132 -29.95 -13.87 -8.20
N ILE A 133 -29.65 -13.92 -6.90
CA ILE A 133 -28.37 -14.35 -6.36
C ILE A 133 -28.39 -15.85 -6.40
N ASP A 134 -27.51 -16.46 -7.19
CA ASP A 134 -27.57 -17.91 -7.39
C ASP A 134 -26.47 -18.70 -6.69
N ALA A 135 -25.61 -18.00 -5.96
CA ALA A 135 -24.64 -18.66 -5.10
C ALA A 135 -24.11 -17.68 -4.08
N ILE A 136 -23.88 -18.18 -2.86
CA ILE A 136 -23.09 -17.45 -1.87
C ILE A 136 -22.16 -18.45 -1.23
N THR A 137 -20.87 -18.12 -1.14
CA THR A 137 -19.97 -18.88 -0.26
C THR A 137 -19.47 -17.95 0.82
N HIS A 138 -19.49 -18.41 2.06
CA HIS A 138 -19.27 -17.52 3.19
C HIS A 138 -18.42 -18.29 4.17
N TYR A 139 -17.16 -17.92 4.26
CA TYR A 139 -16.24 -18.57 5.20
C TYR A 139 -16.29 -17.89 6.55
N ASP A 140 -16.45 -18.70 7.60
CA ASP A 140 -16.47 -18.22 8.98
C ASP A 140 -15.19 -18.61 9.74
N SER A 141 -14.43 -17.62 10.22
CA SER A 141 -13.12 -17.89 10.82
C SER A 141 -13.21 -18.64 12.15
N ILE A 142 -14.36 -18.56 12.82
CA ILE A 142 -14.51 -19.28 14.08
C ILE A 142 -14.73 -20.77 13.79
N ASP A 143 -15.62 -21.04 12.85
CA ASP A 143 -15.94 -22.41 12.48
C ASP A 143 -14.85 -22.99 11.62
N ASP A 144 -14.03 -22.11 11.05
CA ASP A 144 -13.11 -22.51 9.99
C ASP A 144 -13.85 -23.38 8.99
N ARG A 145 -14.93 -22.86 8.44
CA ARG A 145 -15.70 -23.60 7.44
C ARG A 145 -16.18 -22.71 6.29
N PHE A 146 -16.29 -23.28 5.09
CA PHE A 146 -16.89 -22.59 3.95
C PHE A 146 -18.35 -22.99 3.80
N TYR A 147 -19.27 -22.07 4.08
CA TYR A 147 -20.68 -22.35 3.93
C TYR A 147 -21.15 -21.97 2.54
N VAL A 148 -21.59 -22.98 1.78
CA VAL A 148 -21.93 -22.78 0.38
C VAL A 148 -23.43 -22.86 0.15
N PHE A 149 -23.98 -21.78 -0.38
CA PHE A 149 -25.42 -21.68 -0.64
C PHE A 149 -25.65 -21.69 -2.14
N ASP A 150 -26.17 -22.79 -2.66
CA ASP A 150 -26.21 -23.00 -4.09
C ASP A 150 -27.63 -23.00 -4.63
N LEU A 151 -27.96 -22.03 -5.47
CA LEU A 151 -29.30 -21.99 -6.08
C LEU A 151 -29.46 -22.94 -7.27
N LEU A 152 -30.28 -23.98 -7.07
CA LEU A 152 -30.49 -24.96 -8.14
C LEU A 152 -31.55 -24.54 -9.14
N ASN A 153 -32.53 -23.76 -8.69
CA ASN A 153 -33.65 -23.35 -9.53
C ASN A 153 -33.73 -21.85 -9.71
N SER A 154 -33.59 -21.41 -10.94
CA SER A 154 -33.61 -19.99 -11.26
C SER A 154 -34.32 -19.76 -12.57
N PRO A 155 -34.88 -18.56 -12.76
CA PRO A 155 -35.47 -18.23 -14.07
C PRO A 155 -34.42 -18.30 -15.16
N TYR A 156 -33.15 -18.34 -14.77
CA TYR A 156 -32.07 -18.34 -15.77
C TYR A 156 -31.55 -19.73 -16.10
N GLY A 157 -32.09 -20.73 -15.41
CA GLY A 157 -31.76 -22.12 -15.65
C GLY A 157 -31.90 -22.97 -14.39
N ASN A 158 -32.31 -24.22 -14.56
CA ASN A 158 -32.28 -25.19 -13.47
C ASN A 158 -31.09 -26.13 -13.65
N VAL A 159 -30.38 -26.44 -12.57
CA VAL A 159 -29.14 -27.18 -12.67
C VAL A 159 -29.10 -28.28 -11.64
N GLU A 160 -28.15 -29.20 -11.79
CA GLU A 160 -28.01 -30.28 -10.82
C GLU A 160 -27.08 -29.81 -9.72
N GLU A 161 -27.05 -30.53 -8.59
CA GLU A 161 -26.18 -30.13 -7.48
C GLU A 161 -24.71 -30.16 -7.87
N TRP A 162 -23.94 -29.31 -7.21
CA TRP A 162 -22.50 -29.29 -7.34
C TRP A 162 -21.97 -30.53 -6.65
N SER A 163 -20.99 -31.19 -7.27
CA SER A 163 -20.37 -32.40 -6.73
C SER A 163 -18.99 -32.12 -6.13
N ILE A 164 -18.85 -32.40 -4.83
CA ILE A 164 -17.60 -32.13 -4.16
C ILE A 164 -16.51 -33.09 -4.63
N GLU A 165 -16.90 -34.29 -5.04
CA GLU A 165 -15.96 -35.26 -5.59
C GLU A 165 -15.28 -34.70 -6.80
N ILE A 166 -16.08 -34.21 -7.74
CA ILE A 166 -15.58 -33.64 -8.97
C ILE A 166 -14.82 -32.35 -8.69
N ALA A 167 -15.36 -31.51 -7.81
CA ALA A 167 -14.67 -30.29 -7.41
C ALA A 167 -13.19 -30.57 -7.04
N ALA A 168 -12.96 -31.60 -6.24
CA ALA A 168 -11.60 -31.93 -5.78
C ALA A 168 -10.64 -32.45 -6.87
N LYS A 169 -11.16 -33.08 -7.91
CA LYS A 169 -10.30 -33.68 -8.93
C LYS A 169 -9.48 -32.65 -9.70
N LEU A 170 -8.34 -33.09 -10.24
N LEU A 170 -8.34 -33.09 -10.24
CA LEU A 170 -7.50 -32.25 -11.08
CA LEU A 170 -7.50 -32.25 -11.09
C LEU A 170 -8.27 -31.77 -12.30
C LEU A 170 -8.28 -31.78 -12.30
N GLN A 171 -7.86 -30.65 -12.88
CA GLN A 171 -8.49 -30.16 -14.09
C GLN A 171 -8.31 -31.17 -15.21
N GLU A 172 -7.13 -31.78 -15.27
CA GLU A 172 -6.85 -32.81 -16.25
C GLU A 172 -7.77 -34.02 -16.11
N GLN A 173 -8.36 -34.19 -14.92
CA GLN A 173 -9.36 -35.22 -14.72
C GLN A 173 -10.78 -34.72 -15.02
N GLY A 174 -10.89 -33.48 -15.47
CA GLY A 174 -12.19 -32.86 -15.66
C GLY A 174 -12.76 -32.22 -14.39
N GLY A 175 -11.95 -32.16 -13.34
CA GLY A 175 -12.36 -31.61 -12.06
C GLY A 175 -12.10 -30.12 -11.97
N ASP A 176 -12.22 -29.54 -10.78
CA ASP A 176 -12.05 -28.11 -10.65
C ASP A 176 -10.80 -27.69 -9.87
N GLU A 177 -10.16 -28.67 -9.23
CA GLU A 177 -8.96 -28.39 -8.45
C GLU A 177 -9.23 -27.43 -7.29
N VAL A 178 -10.40 -27.55 -6.67
CA VAL A 178 -10.64 -26.90 -5.39
C VAL A 178 -9.59 -27.46 -4.43
N PRO A 179 -8.71 -26.58 -3.91
CA PRO A 179 -7.60 -26.99 -3.06
C PRO A 179 -7.95 -28.04 -2.02
N SER A 180 -7.18 -29.12 -2.00
CA SER A 180 -7.45 -30.25 -1.13
C SER A 180 -7.51 -29.85 0.34
N GLU A 181 -6.80 -28.81 0.73
CA GLU A 181 -6.79 -28.44 2.13
C GLU A 181 -8.07 -27.76 2.60
N ILE A 182 -9.01 -27.50 1.69
CA ILE A 182 -10.30 -26.95 2.12
C ILE A 182 -11.48 -27.89 1.84
N ILE A 183 -11.23 -28.97 1.08
CA ILE A 183 -12.32 -29.88 0.74
C ILE A 183 -13.13 -30.34 1.95
N ASP A 184 -12.44 -30.71 3.02
CA ASP A 184 -13.13 -31.18 4.22
C ASP A 184 -13.74 -30.04 5.04
N LYS A 185 -13.68 -28.81 4.54
CA LYS A 185 -14.15 -27.64 5.28
C LYS A 185 -15.39 -27.04 4.64
N ILE A 186 -15.88 -27.70 3.62
CA ILE A 186 -16.99 -27.18 2.85
C ILE A 186 -18.29 -27.77 3.34
N ILE A 187 -19.22 -26.88 3.65
CA ILE A 187 -20.56 -27.27 4.06
C ILE A 187 -21.52 -26.77 2.98
N TYR A 188 -22.00 -27.71 2.17
CA TYR A 188 -22.73 -27.44 0.94
C TYR A 188 -24.25 -27.55 1.12
N MET A 189 -24.95 -26.52 0.68
CA MET A 189 -26.39 -26.41 0.89
C MET A 189 -27.06 -26.02 -0.41
N PRO A 190 -27.78 -26.97 -1.03
CA PRO A 190 -28.51 -26.65 -2.26
C PRO A 190 -29.90 -26.14 -1.91
N PHE A 191 -30.49 -25.33 -2.78
CA PHE A 191 -31.84 -24.83 -2.54
C PHE A 191 -32.64 -24.84 -3.84
N ASP A 192 -33.94 -25.08 -3.73
CA ASP A 192 -34.79 -25.18 -4.92
C ASP A 192 -35.52 -23.89 -5.25
N ASN A 193 -35.24 -22.83 -4.50
CA ASN A 193 -35.58 -21.48 -4.91
C ASN A 193 -34.88 -20.38 -4.12
N GLU A 194 -34.75 -19.21 -4.74
CA GLU A 194 -33.99 -18.10 -4.17
C GLU A 194 -34.49 -17.64 -2.80
N LYS A 195 -35.80 -17.45 -2.67
CA LYS A 195 -36.39 -17.07 -1.39
C LYS A 195 -35.86 -17.88 -0.22
N GLU A 196 -35.78 -19.20 -0.41
CA GLU A 196 -35.39 -20.09 0.68
C GLU A 196 -33.91 -19.98 0.95
N LEU A 197 -33.15 -19.78 -0.12
CA LEU A 197 -31.72 -19.57 0.03
C LEU A 197 -31.51 -18.35 0.93
N LEU A 198 -32.11 -17.23 0.54
CA LEU A 198 -31.85 -15.95 1.22
C LEU A 198 -32.28 -16.01 2.68
N MET A 199 -33.44 -16.62 2.93
CA MET A 199 -33.94 -16.68 4.30
C MET A 199 -33.04 -17.58 5.14
N GLU A 200 -32.58 -18.68 4.55
N GLU A 200 -32.58 -18.66 4.54
CA GLU A 200 -31.63 -19.52 5.25
CA GLU A 200 -31.64 -19.55 5.21
C GLU A 200 -30.33 -18.77 5.50
C GLU A 200 -30.32 -18.82 5.46
N TYR A 201 -29.90 -18.00 4.50
CA TYR A 201 -28.66 -17.22 4.65
C TYR A 201 -28.77 -16.28 5.85
N LEU A 202 -29.89 -15.58 5.94
CA LEU A 202 -30.14 -14.65 7.04
C LEU A 202 -30.14 -15.35 8.38
N ASN A 203 -30.74 -16.54 8.44
CA ASN A 203 -30.81 -17.25 9.71
C ASN A 203 -29.43 -17.70 10.16
N PHE A 204 -28.62 -18.11 9.18
CA PHE A 204 -27.20 -18.39 9.35
C PHE A 204 -26.45 -17.14 9.87
N TRP A 205 -26.67 -16.02 9.20
CA TRP A 205 -26.09 -14.73 9.61
C TRP A 205 -26.39 -14.40 11.08
N GLN A 206 -27.62 -14.62 11.53
CA GLN A 206 -27.97 -14.31 12.92
C GLN A 206 -27.16 -15.16 13.87
N GLN A 207 -26.98 -16.42 13.50
CA GLN A 207 -26.34 -17.42 14.35
C GLN A 207 -24.83 -17.14 14.40
N LYS A 208 -24.29 -16.69 13.27
CA LYS A 208 -22.86 -16.38 13.14
C LYS A 208 -22.71 -14.98 12.54
N THR A 209 -23.03 -13.96 13.32
CA THR A 209 -23.02 -12.59 12.81
C THR A 209 -21.58 -12.10 12.74
N PRO A 210 -21.14 -11.70 11.54
CA PRO A 210 -19.75 -11.25 11.39
C PRO A 210 -19.40 -10.08 12.31
N VAL A 211 -18.17 -10.05 12.81
CA VAL A 211 -17.65 -8.81 13.41
C VAL A 211 -16.91 -8.08 12.30
N ILE A 212 -15.85 -8.70 11.80
CA ILE A 212 -15.14 -8.22 10.62
C ILE A 212 -15.75 -8.89 9.40
N LEU A 213 -16.11 -8.09 8.39
CA LEU A 213 -16.73 -8.61 7.19
C LEU A 213 -15.86 -8.22 6.03
N THR A 214 -15.39 -9.19 5.26
CA THR A 214 -14.46 -8.91 4.18
C THR A 214 -14.73 -9.81 2.98
N GLY A 215 -13.94 -9.64 1.95
CA GLY A 215 -14.16 -10.29 0.66
C GLY A 215 -13.55 -9.33 -0.32
N TRP A 216 -13.89 -9.47 -1.59
CA TRP A 216 -13.26 -8.68 -2.63
C TRP A 216 -14.34 -7.87 -3.29
N ASN A 217 -14.28 -6.55 -3.14
CA ASN A 217 -15.37 -5.68 -3.58
C ASN A 217 -16.68 -5.89 -2.84
N VAL A 218 -16.61 -6.44 -1.64
CA VAL A 218 -17.84 -6.71 -0.91
C VAL A 218 -18.58 -5.43 -0.55
N GLU A 219 -17.86 -4.32 -0.45
CA GLU A 219 -18.54 -3.11 -0.03
C GLU A 219 -19.30 -2.44 -1.18
N SER A 220 -18.78 -2.61 -2.38
CA SER A 220 -19.35 -1.92 -3.54
C SER A 220 -20.22 -2.84 -4.37
N PHE A 221 -20.08 -4.15 -4.16
CA PHE A 221 -20.98 -5.08 -4.85
C PHE A 221 -21.77 -6.04 -3.96
N ALA A 222 -21.07 -6.93 -3.24
CA ALA A 222 -21.76 -8.03 -2.55
C ALA A 222 -22.71 -7.56 -1.47
N ILE A 223 -22.28 -6.60 -0.65
CA ILE A 223 -23.11 -6.19 0.48
C ILE A 223 -24.35 -5.44 -0.01
N PRO A 224 -24.16 -4.39 -0.85
CA PRO A 224 -25.35 -3.71 -1.36
C PRO A 224 -26.21 -4.60 -2.27
N TYR A 225 -25.62 -5.56 -2.98
CA TYR A 225 -26.46 -6.46 -3.78
C TYR A 225 -27.35 -7.30 -2.87
N VAL A 226 -26.73 -8.02 -1.93
CA VAL A 226 -27.47 -8.84 -0.97
C VAL A 226 -28.51 -8.01 -0.21
N TYR A 227 -28.13 -6.81 0.22
CA TYR A 227 -29.06 -6.00 1.01
C TYR A 227 -30.31 -5.65 0.21
N ASN A 228 -30.11 -5.19 -1.02
CA ASN A 228 -31.22 -4.73 -1.84
C ASN A 228 -32.09 -5.85 -2.39
N ARG A 229 -31.49 -7.03 -2.59
CA ARG A 229 -32.25 -8.13 -3.17
C ARG A 229 -33.20 -8.64 -2.09
N ILE A 230 -32.65 -8.91 -0.91
CA ILE A 230 -33.45 -9.21 0.26
C ILE A 230 -34.47 -8.10 0.52
N LYS A 231 -34.08 -6.84 0.36
CA LYS A 231 -35.02 -5.74 0.59
C LYS A 231 -36.18 -5.81 -0.40
N ASN A 232 -35.87 -5.95 -1.68
CA ASN A 232 -36.88 -6.00 -2.72
C ASN A 232 -37.75 -7.26 -2.70
N ILE A 233 -37.28 -8.29 -2.02
CA ILE A 233 -38.04 -9.53 -2.00
C ILE A 233 -38.91 -9.64 -0.76
N PHE A 234 -38.30 -9.44 0.41
CA PHE A 234 -38.99 -9.62 1.69
C PHE A 234 -39.36 -8.29 2.34
N GLY A 235 -38.79 -7.20 1.84
CA GLY A 235 -39.05 -5.90 2.43
C GLY A 235 -37.98 -5.43 3.40
N GLU A 236 -37.93 -4.10 3.57
CA GLU A 236 -36.90 -3.44 4.36
C GLU A 236 -36.66 -4.06 5.74
N SER A 237 -37.74 -4.44 6.44
CA SER A 237 -37.60 -4.95 7.80
C SER A 237 -36.72 -6.19 7.84
N THR A 238 -36.85 -7.03 6.82
CA THR A 238 -36.10 -8.27 6.77
C THR A 238 -34.64 -8.02 6.40
N ALA A 239 -34.43 -7.17 5.40
CA ALA A 239 -33.10 -6.73 5.02
C ALA A 239 -32.27 -6.25 6.21
N LYS A 240 -32.91 -5.55 7.13
CA LYS A 240 -32.21 -4.96 8.27
C LYS A 240 -31.65 -6.01 9.24
N ARG A 241 -32.07 -7.26 9.09
CA ARG A 241 -31.52 -8.35 9.91
C ARG A 241 -30.02 -8.51 9.66
N LEU A 242 -29.55 -7.93 8.57
CA LEU A 242 -28.13 -7.99 8.25
C LEU A 242 -27.33 -7.20 9.27
N SER A 243 -28.01 -6.32 10.01
CA SER A 243 -27.35 -5.56 11.06
C SER A 243 -27.73 -6.13 12.43
N PRO A 244 -26.73 -6.39 13.30
CA PRO A 244 -27.09 -6.97 14.60
C PRO A 244 -27.92 -6.00 15.47
N HIS A 245 -27.97 -4.74 15.08
CA HIS A 245 -28.77 -3.75 15.79
C HIS A 245 -29.93 -3.31 14.90
N ARG A 246 -30.23 -4.11 13.88
CA ARG A 246 -31.33 -3.81 12.97
C ARG A 246 -31.32 -2.37 12.45
N LYS A 247 -30.14 -1.74 12.46
CA LYS A 247 -30.00 -0.43 11.86
C LYS A 247 -29.04 -0.46 10.69
N THR A 248 -29.48 0.03 9.55
CA THR A 248 -28.60 0.20 8.41
C THR A 248 -28.71 1.65 7.95
N ARG A 249 -27.78 2.08 7.10
CA ARG A 249 -27.85 3.42 6.51
C ARG A 249 -27.44 3.36 5.03
N VAL A 250 -28.32 3.79 4.15
CA VAL A 250 -28.01 3.82 2.72
C VAL A 250 -27.35 5.15 2.34
N LYS A 251 -26.05 5.12 2.08
CA LYS A 251 -25.33 6.29 1.59
C LYS A 251 -25.24 6.25 0.06
N VAL A 252 -25.82 7.27 -0.59
CA VAL A 252 -26.02 7.25 -2.04
C VAL A 252 -25.19 8.26 -2.84
N ILE A 253 -24.64 7.79 -3.96
CA ILE A 253 -23.93 8.61 -4.94
C ILE A 253 -24.54 8.37 -6.33
N GLU A 254 -25.55 9.17 -6.68
CA GLU A 254 -26.24 9.04 -7.95
C GLU A 254 -25.65 9.98 -9.01
N SER A 259 -26.64 5.93 -10.15
CA SER A 259 -27.20 5.73 -8.80
C SER A 259 -26.52 4.57 -8.07
N ARG A 260 -25.38 4.86 -7.43
CA ARG A 260 -24.66 3.87 -6.63
C ARG A 260 -25.03 3.99 -5.15
N GLU A 261 -24.64 2.98 -4.37
CA GLU A 261 -24.97 2.96 -2.94
C GLU A 261 -23.86 2.28 -2.12
N ILE A 262 -23.56 2.85 -0.97
CA ILE A 262 -22.82 2.10 0.04
C ILE A 262 -23.73 1.88 1.23
N ILE A 263 -23.92 0.62 1.60
CA ILE A 263 -24.75 0.30 2.75
C ILE A 263 -23.88 0.27 4.00
N THR A 264 -24.36 0.92 5.07
CA THR A 264 -23.68 0.86 6.34
C THR A 264 -24.50 -0.04 7.26
N LEU A 265 -23.88 -1.12 7.72
CA LEU A 265 -24.51 -2.12 8.57
C LEU A 265 -24.05 -1.90 9.98
N PHE A 266 -24.90 -1.29 10.81
CA PHE A 266 -24.51 -0.95 12.16
C PHE A 266 -24.17 -2.21 12.90
N GLY A 267 -23.07 -2.19 13.65
CA GLY A 267 -22.68 -3.33 14.46
C GLY A 267 -21.76 -4.29 13.74
N ILE A 268 -21.45 -3.97 12.49
CA ILE A 268 -20.48 -4.73 11.73
C ILE A 268 -19.37 -3.80 11.26
N SER A 269 -18.14 -4.32 11.17
CA SER A 269 -16.99 -3.59 10.65
C SER A 269 -16.54 -4.14 9.31
N VAL A 270 -16.92 -3.48 8.23
CA VAL A 270 -16.58 -3.98 6.90
C VAL A 270 -15.17 -3.50 6.51
N LEU A 271 -14.28 -4.45 6.20
CA LEU A 271 -12.97 -4.11 5.65
C LEU A 271 -12.81 -4.76 4.31
N ASP A 272 -13.32 -4.13 3.27
CA ASP A 272 -13.28 -4.71 1.93
C ASP A 272 -11.81 -4.99 1.62
N TYR A 273 -11.49 -6.21 1.21
CA TYR A 273 -10.10 -6.53 1.00
C TYR A 273 -9.45 -5.71 -0.12
N ILE A 274 -10.22 -5.30 -1.12
CA ILE A 274 -9.63 -4.51 -2.20
C ILE A 274 -9.14 -3.15 -1.69
N ASP A 275 -9.84 -2.59 -0.70
CA ASP A 275 -9.44 -1.32 -0.06
C ASP A 275 -8.27 -1.49 0.89
N LEU A 276 -8.22 -2.61 1.61
CA LEU A 276 -7.05 -2.90 2.42
C LEU A 276 -5.87 -3.02 1.49
N TYR A 277 -6.07 -3.74 0.40
CA TYR A 277 -4.98 -3.97 -0.54
C TYR A 277 -4.43 -2.66 -1.12
N LYS A 278 -5.32 -1.78 -1.59
CA LYS A 278 -4.87 -0.55 -2.21
C LYS A 278 -4.14 0.38 -1.24
N LYS A 279 -4.55 0.36 0.02
CA LYS A 279 -3.96 1.25 1.02
C LYS A 279 -2.66 0.72 1.62
N PHE A 280 -2.55 -0.60 1.77
CA PHE A 280 -1.49 -1.19 2.57
C PHE A 280 -0.47 -2.05 1.79
N SER A 281 -0.74 -2.33 0.52
CA SER A 281 0.13 -3.22 -0.23
C SER A 281 1.28 -2.49 -0.90
N PHE A 282 1.14 -1.17 -1.06
CA PHE A 282 2.14 -0.37 -1.75
C PHE A 282 2.46 -0.91 -3.13
N THR A 283 1.40 -1.19 -3.89
CA THR A 283 1.52 -1.53 -5.30
C THR A 283 0.59 -0.63 -6.07
N ASN A 284 0.79 -0.56 -7.39
CA ASN A 284 -0.18 0.06 -8.27
C ASN A 284 -0.37 -0.88 -9.45
N GLN A 285 -1.53 -1.55 -9.48
CA GLN A 285 -1.75 -2.65 -10.41
C GLN A 285 -2.53 -2.23 -11.64
N PRO A 286 -2.18 -2.83 -12.80
CA PRO A 286 -2.87 -2.59 -14.07
C PRO A 286 -4.33 -3.03 -13.99
N SER A 287 -4.64 -3.93 -13.07
CA SER A 287 -6.00 -4.44 -12.90
C SER A 287 -6.20 -4.95 -11.49
N TYR A 288 -7.42 -4.79 -10.98
CA TYR A 288 -7.76 -5.23 -9.64
C TYR A 288 -8.85 -6.29 -9.61
N SER A 289 -8.89 -7.13 -10.63
CA SER A 289 -9.75 -8.31 -10.59
C SER A 289 -9.07 -9.29 -9.66
N LEU A 290 -9.86 -9.95 -8.80
CA LEU A 290 -9.31 -10.91 -7.84
C LEU A 290 -8.44 -11.92 -8.57
N ASP A 291 -8.83 -12.24 -9.80
CA ASP A 291 -8.06 -13.12 -10.66
C ASP A 291 -6.63 -12.60 -10.85
N TYR A 292 -6.53 -11.33 -11.22
CA TYR A 292 -5.24 -10.72 -11.49
C TYR A 292 -4.37 -10.63 -10.25
N ILE A 293 -4.99 -10.23 -9.14
CA ILE A 293 -4.24 -10.02 -7.90
C ILE A 293 -3.81 -11.36 -7.34
N SER A 294 -4.66 -12.36 -7.46
CA SER A 294 -4.32 -13.69 -6.97
C SER A 294 -3.09 -14.21 -7.70
N GLU A 295 -3.09 -14.08 -9.02
CA GLU A 295 -1.97 -14.54 -9.83
C GLU A 295 -0.70 -13.80 -9.41
N PHE A 296 -0.85 -12.51 -9.13
CA PHE A 296 0.28 -11.68 -8.73
C PHE A 296 0.78 -12.02 -7.34
N GLU A 297 -0.14 -12.25 -6.41
CA GLU A 297 0.25 -12.40 -5.01
C GLU A 297 0.67 -13.83 -4.68
N LEU A 298 0.07 -14.79 -5.36
CA LEU A 298 0.16 -16.21 -5.01
C LEU A 298 0.76 -17.10 -6.09
N ASN A 299 0.93 -16.55 -7.29
CA ASN A 299 1.41 -17.31 -8.45
CA ASN A 299 1.45 -17.33 -8.40
C ASN A 299 0.56 -18.54 -8.74
N VAL A 300 -0.74 -18.38 -8.61
CA VAL A 300 -1.67 -19.43 -8.98
C VAL A 300 -2.08 -19.10 -10.39
N GLY A 301 -2.69 -20.02 -11.10
CA GLY A 301 -3.08 -19.76 -12.47
C GLY A 301 -4.38 -18.98 -12.55
N LYS A 302 -4.52 -18.21 -13.63
CA LYS A 302 -5.81 -17.60 -13.95
C LYS A 302 -6.82 -18.74 -13.98
N LEU A 303 -8.02 -18.49 -13.45
CA LEU A 303 -9.08 -19.50 -13.52
C LEU A 303 -9.58 -19.56 -14.97
N LYS A 304 -9.80 -20.76 -15.47
CA LYS A 304 -10.21 -20.94 -16.87
C LYS A 304 -11.66 -21.39 -17.01
N TYR A 305 -12.35 -20.86 -18.01
CA TYR A 305 -13.66 -21.38 -18.42
C TYR A 305 -13.86 -21.05 -19.90
N ASP A 306 -14.79 -21.73 -20.54
CA ASP A 306 -14.84 -21.72 -22.00
C ASP A 306 -15.78 -20.70 -22.62
N GLY A 307 -16.77 -20.25 -21.86
CA GLY A 307 -17.71 -19.25 -22.35
C GLY A 307 -17.55 -17.92 -21.63
N PRO A 308 -18.53 -17.03 -21.81
CA PRO A 308 -18.64 -15.81 -21.01
C PRO A 308 -19.18 -16.14 -19.64
N ILE A 309 -18.78 -15.41 -18.60
CA ILE A 309 -19.29 -15.68 -17.25
C ILE A 309 -20.81 -15.61 -17.25
N SER A 310 -21.35 -14.84 -18.18
N SER A 310 -21.35 -14.84 -18.19
CA SER A 310 -22.79 -14.64 -18.29
CA SER A 310 -22.79 -14.65 -18.28
C SER A 310 -23.54 -15.95 -18.51
C SER A 310 -23.54 -15.96 -18.51
N LYS A 311 -22.84 -16.97 -19.01
CA LYS A 311 -23.47 -18.25 -19.31
C LYS A 311 -22.85 -19.40 -18.50
N LEU A 312 -21.90 -19.07 -17.64
CA LEU A 312 -21.14 -20.11 -16.96
C LEU A 312 -22.01 -20.98 -16.07
N ARG A 313 -23.00 -20.38 -15.40
CA ARG A 313 -23.87 -21.15 -14.55
C ARG A 313 -24.65 -22.18 -15.36
N GLU A 314 -25.15 -21.75 -16.52
CA GLU A 314 -26.03 -22.58 -17.34
C GLU A 314 -25.28 -23.77 -17.96
N SER A 315 -24.10 -23.49 -18.49
CA SER A 315 -23.29 -24.48 -19.19
C SER A 315 -22.43 -25.35 -18.26
N ASN A 316 -21.88 -24.75 -17.21
CA ASN A 316 -21.04 -25.49 -16.26
C ASN A 316 -21.25 -25.07 -14.81
N HIS A 317 -22.44 -25.34 -14.29
CA HIS A 317 -22.76 -25.02 -12.91
C HIS A 317 -21.76 -25.66 -11.95
N GLN A 318 -21.27 -26.85 -12.28
CA GLN A 318 -20.26 -27.51 -11.46
C GLN A 318 -19.06 -26.58 -11.21
N ARG A 319 -18.52 -26.03 -12.30
CA ARG A 319 -17.38 -25.13 -12.22
C ARG A 319 -17.75 -23.78 -11.61
N TYR A 320 -18.93 -23.28 -11.95
CA TYR A 320 -19.45 -22.02 -11.40
C TYR A 320 -19.35 -22.01 -9.87
N ILE A 321 -19.86 -23.05 -9.22
CA ILE A 321 -19.81 -23.11 -7.76
C ILE A 321 -18.36 -23.30 -7.22
N SER A 322 -17.58 -24.17 -7.88
CA SER A 322 -16.19 -24.38 -7.46
C SER A 322 -15.40 -23.08 -7.51
N TYR A 323 -15.63 -22.28 -8.55
CA TYR A 323 -14.92 -21.02 -8.70
C TYR A 323 -15.39 -19.99 -7.67
N ASN A 324 -16.66 -20.05 -7.28
CA ASN A 324 -17.14 -19.14 -6.21
C ASN A 324 -16.43 -19.49 -4.90
N ILE A 325 -16.33 -20.77 -4.60
CA ILE A 325 -15.63 -21.19 -3.38
C ILE A 325 -14.16 -20.79 -3.42
N ILE A 326 -13.51 -21.05 -4.55
CA ILE A 326 -12.11 -20.69 -4.73
C ILE A 326 -11.92 -19.18 -4.56
N ALA A 327 -12.79 -18.38 -5.17
CA ALA A 327 -12.70 -16.92 -5.00
C ALA A 327 -12.64 -16.50 -3.53
N VAL A 328 -13.40 -17.19 -2.69
CA VAL A 328 -13.39 -16.88 -1.28
C VAL A 328 -12.06 -17.29 -0.70
N TYR A 329 -11.59 -18.48 -1.07
CA TYR A 329 -10.31 -18.98 -0.56
C TYR A 329 -9.14 -18.09 -0.97
N ARG A 330 -9.14 -17.60 -2.21
CA ARG A 330 -8.03 -16.78 -2.67
CA ARG A 330 -8.04 -16.77 -2.68
C ARG A 330 -7.77 -15.56 -1.76
N VAL A 331 -8.83 -14.90 -1.31
CA VAL A 331 -8.64 -13.75 -0.41
C VAL A 331 -8.04 -14.19 0.92
N LEU A 332 -8.55 -15.29 1.48
CA LEU A 332 -7.95 -15.85 2.69
C LEU A 332 -6.47 -16.11 2.44
N GLN A 333 -6.15 -16.63 1.26
CA GLN A 333 -4.75 -16.94 0.96
C GLN A 333 -3.93 -15.65 0.86
N ILE A 334 -4.49 -14.63 0.21
CA ILE A 334 -3.76 -13.38 0.12
C ILE A 334 -3.53 -12.79 1.51
N ASP A 335 -4.54 -12.86 2.37
CA ASP A 335 -4.41 -12.29 3.70
C ASP A 335 -3.41 -13.11 4.55
N ALA A 336 -3.41 -14.44 4.39
CA ALA A 336 -2.41 -15.25 5.07
C ALA A 336 -1.02 -14.78 4.68
N LYS A 337 -0.85 -14.35 3.43
CA LYS A 337 0.45 -13.83 3.01
C LYS A 337 0.69 -12.38 3.51
N ARG A 338 -0.19 -11.47 3.11
CA ARG A 338 -0.04 -10.03 3.38
C ARG A 338 -0.40 -9.62 4.82
N GLN A 339 -1.39 -10.29 5.41
CA GLN A 339 -1.78 -10.04 6.79
C GLN A 339 -2.31 -8.63 7.06
N PHE A 340 -3.19 -8.11 6.18
CA PHE A 340 -3.77 -6.81 6.41
C PHE A 340 -4.90 -6.90 7.45
N ILE A 341 -5.54 -8.05 7.62
CA ILE A 341 -6.56 -8.13 8.68
C ILE A 341 -5.88 -7.97 10.04
N ASN A 342 -4.78 -8.67 10.24
CA ASN A 342 -4.05 -8.54 11.49
C ASN A 342 -3.65 -7.10 11.74
N LEU A 343 -3.13 -6.45 10.70
CA LEU A 343 -2.63 -5.08 10.83
C LEU A 343 -3.78 -4.18 11.29
N SER A 344 -4.94 -4.37 10.69
CA SER A 344 -6.12 -3.57 10.99
C SER A 344 -6.56 -3.73 12.44
N LEU A 345 -6.55 -4.98 12.92
CA LEU A 345 -6.99 -5.26 14.29
C LEU A 345 -5.97 -4.66 15.23
N ASP A 346 -4.70 -4.94 14.95
CA ASP A 346 -3.61 -4.36 15.72
C ASP A 346 -3.81 -2.86 15.88
N MET A 347 -3.74 -2.13 14.77
CA MET A 347 -3.86 -0.67 14.75
CA MET A 347 -3.80 -0.69 14.88
C MET A 347 -5.14 -0.19 15.40
N GLY A 348 -6.24 -0.87 15.08
CA GLY A 348 -7.53 -0.50 15.61
C GLY A 348 -7.56 -0.54 17.14
N TYR A 349 -7.12 -1.65 17.72
CA TYR A 349 -7.14 -1.77 19.17
C TYR A 349 -6.13 -0.84 19.86
N TYR A 350 -5.04 -0.52 19.16
CA TYR A 350 -4.04 0.41 19.67
C TYR A 350 -4.61 1.81 19.86
N ALA A 351 -5.32 2.30 18.84
CA ALA A 351 -5.93 3.62 18.85
C ALA A 351 -7.21 3.69 19.67
N LYS A 352 -7.83 2.53 19.86
CA LYS A 352 -9.16 2.47 20.45
C LYS A 352 -10.23 3.10 19.56
N ILE A 353 -10.39 2.53 18.36
CA ILE A 353 -11.36 3.05 17.38
C ILE A 353 -12.16 1.91 16.76
N GLN A 354 -13.22 2.26 16.03
CA GLN A 354 -13.89 1.29 15.18
C GLN A 354 -12.82 0.70 14.27
N ILE A 355 -12.75 -0.63 14.18
CA ILE A 355 -11.74 -1.25 13.33
C ILE A 355 -11.74 -0.68 11.89
N GLN A 356 -12.89 -0.38 11.30
CA GLN A 356 -12.88 0.13 9.92
C GLN A 356 -12.21 1.51 9.79
N SER A 357 -11.94 2.16 10.93
CA SER A 357 -11.33 3.50 10.89
C SER A 357 -9.83 3.44 10.61
N VAL A 358 -9.28 2.23 10.54
CA VAL A 358 -7.92 2.11 10.07
C VAL A 358 -7.73 2.74 8.67
N PHE A 359 -8.81 2.93 7.90
CA PHE A 359 -8.63 3.59 6.61
C PHE A 359 -8.39 5.09 6.76
N SER A 360 -8.60 5.64 7.97
CA SER A 360 -8.44 7.08 8.21
C SER A 360 -7.34 7.35 9.22
N PRO A 361 -6.15 7.75 8.73
CA PRO A 361 -5.06 8.05 9.67
C PRO A 361 -5.40 9.25 10.57
N ILE A 362 -6.23 10.16 10.06
CA ILE A 362 -6.64 11.30 10.88
C ILE A 362 -7.48 10.81 12.04
N LYS A 363 -8.48 9.98 11.79
CA LYS A 363 -9.28 9.45 12.91
C LYS A 363 -8.43 8.63 13.88
N THR A 364 -7.53 7.83 13.34
CA THR A 364 -6.66 6.96 14.10
C THR A 364 -5.80 7.79 15.05
N TRP A 365 -5.19 8.86 14.52
CA TRP A 365 -4.40 9.75 15.38
C TRP A 365 -5.22 10.63 16.34
N ASP A 366 -6.40 11.05 15.90
CA ASP A 366 -7.23 11.84 16.78
C ASP A 366 -7.44 11.02 18.03
N ALA A 367 -7.72 9.74 17.80
CA ALA A 367 -8.02 8.81 18.88
C ALA A 367 -6.80 8.55 19.76
N ILE A 368 -5.65 8.34 19.15
CA ILE A 368 -4.46 8.02 19.92
C ILE A 368 -4.10 9.20 20.80
N ILE A 369 -4.12 10.39 20.20
CA ILE A 369 -3.78 11.60 20.92
C ILE A 369 -4.80 11.88 22.04
N PHE A 370 -6.08 11.72 21.73
CA PHE A 370 -7.14 11.89 22.72
C PHE A 370 -6.92 10.99 23.94
N ASN A 371 -6.69 9.70 23.72
CA ASN A 371 -6.41 8.78 24.84
C ASN A 371 -5.15 9.19 25.62
N SER A 372 -4.07 9.48 24.93
CA SER A 372 -2.83 9.92 25.57
C SER A 372 -3.08 11.11 26.51
N LEU A 373 -3.83 12.10 26.03
CA LEU A 373 -4.13 13.31 26.79
C LEU A 373 -5.14 13.09 27.92
N LYS A 374 -6.18 12.32 27.62
CA LYS A 374 -7.21 12.03 28.59
C LYS A 374 -6.55 11.41 29.81
N GLU A 375 -5.48 10.68 29.56
CA GLU A 375 -4.67 10.02 30.56
C GLU A 375 -4.19 10.96 31.66
N GLN A 376 -3.77 12.15 31.25
CA GLN A 376 -3.18 13.12 32.17
C GLN A 376 -4.21 14.17 32.56
N ASN A 377 -5.48 13.82 32.40
CA ASN A 377 -6.56 14.74 32.71
C ASN A 377 -6.49 16.03 31.89
N LYS A 378 -6.07 15.90 30.64
CA LYS A 378 -6.02 17.05 29.74
C LYS A 378 -7.22 17.03 28.81
N VAL A 379 -7.55 18.19 28.26
CA VAL A 379 -8.75 18.35 27.44
C VAL A 379 -8.38 18.76 26.01
N ILE A 380 -8.93 18.06 25.04
CA ILE A 380 -8.56 18.27 23.64
C ILE A 380 -9.31 19.49 23.14
N PRO A 381 -8.71 20.23 22.20
CA PRO A 381 -9.32 21.44 21.63
C PRO A 381 -10.44 21.10 20.66
N GLN A 382 -11.38 22.04 20.47
CA GLN A 382 -12.44 21.81 19.50
C GLN A 382 -11.87 21.89 18.10
N GLY A 383 -12.42 21.09 17.19
CA GLY A 383 -12.00 21.16 15.81
C GLY A 383 -12.37 22.53 15.31
N ARG A 384 -11.56 23.07 14.42
CA ARG A 384 -11.87 24.38 13.84
C ARG A 384 -11.83 24.34 12.31
N SER A 385 -12.53 25.28 11.69
CA SER A 385 -12.55 25.40 10.24
C SER A 385 -11.31 26.16 9.76
N HIS A 386 -10.66 25.65 8.72
CA HIS A 386 -9.50 26.32 8.13
C HIS A 386 -9.61 26.24 6.62
N PRO A 387 -9.14 27.28 5.92
CA PRO A 387 -9.17 27.19 4.45
C PRO A 387 -7.96 26.39 3.98
N VAL A 388 -8.09 25.64 2.90
CA VAL A 388 -6.96 24.89 2.34
C VAL A 388 -5.89 25.81 1.82
N GLN A 389 -4.63 25.44 2.02
CA GLN A 389 -3.54 26.29 1.63
C GLN A 389 -2.27 25.48 1.35
N PRO A 390 -1.60 25.78 0.23
CA PRO A 390 -0.38 25.06 -0.16
C PRO A 390 0.75 25.42 0.78
N TYR A 391 1.79 24.60 0.81
CA TYR A 391 2.95 24.87 1.65
C TYR A 391 4.10 24.00 1.17
N PRO A 392 5.35 24.43 1.43
CA PRO A 392 6.49 23.78 0.78
C PRO A 392 6.90 22.45 1.43
N GLY A 393 7.50 21.59 0.61
CA GLY A 393 7.92 20.27 1.04
C GLY A 393 9.40 20.03 0.91
N ALA A 394 9.78 18.86 0.41
CA ALA A 394 11.18 18.41 0.41
C ALA A 394 12.05 19.10 -0.66
N PHE A 395 13.36 19.01 -0.48
CA PHE A 395 14.31 19.42 -1.50
C PHE A 395 14.77 18.19 -2.28
N VAL A 396 14.96 18.36 -3.58
CA VAL A 396 15.45 17.32 -4.47
C VAL A 396 16.51 17.93 -5.36
N LYS A 397 17.72 17.40 -5.26
CA LYS A 397 18.85 17.91 -6.03
C LYS A 397 18.64 17.61 -7.51
N GLU A 398 19.13 18.48 -8.38
CA GLU A 398 19.07 18.25 -9.82
C GLU A 398 20.32 17.50 -10.28
N PRO A 399 20.19 16.21 -10.60
CA PRO A 399 21.39 15.43 -10.93
C PRO A 399 21.88 15.78 -12.32
N ILE A 400 23.20 15.70 -12.54
CA ILE A 400 23.75 15.74 -13.89
C ILE A 400 23.49 14.42 -14.62
N PRO A 401 22.68 14.45 -15.67
CA PRO A 401 22.41 13.18 -16.36
C PRO A 401 23.72 12.52 -16.78
N ASN A 402 23.93 11.27 -16.41
CA ASN A 402 25.16 10.58 -16.77
C ASN A 402 25.13 9.15 -16.29
N ARG A 403 26.11 8.36 -16.72
CA ARG A 403 26.40 7.09 -16.08
C ARG A 403 27.19 7.40 -14.81
N TYR A 404 27.12 6.50 -13.84
CA TYR A 404 27.87 6.61 -12.59
C TYR A 404 28.27 5.20 -12.18
N LYS A 405 29.57 4.91 -12.29
CA LYS A 405 30.11 3.57 -12.05
C LYS A 405 29.93 3.05 -10.63
N TYR A 406 30.48 3.78 -9.64
CA TYR A 406 30.44 3.33 -8.26
C TYR A 406 29.62 4.30 -7.42
N VAL A 407 28.62 3.79 -6.72
CA VAL A 407 27.72 4.64 -5.94
C VAL A 407 27.42 4.00 -4.61
N MET A 408 27.44 4.79 -3.54
CA MET A 408 26.87 4.35 -2.27
C MET A 408 25.83 5.38 -1.86
N SER A 409 24.72 4.94 -1.29
CA SER A 409 23.71 5.89 -0.86
C SER A 409 23.56 5.81 0.65
N PHE A 410 23.03 6.88 1.22
CA PHE A 410 22.77 6.93 2.64
C PHE A 410 21.39 7.50 2.82
N ASP A 411 20.73 7.11 3.89
CA ASP A 411 19.37 7.55 4.08
C ASP A 411 19.11 7.76 5.55
N LEU A 412 18.35 8.80 5.86
CA LEU A 412 17.99 9.11 7.23
C LEU A 412 16.82 8.25 7.72
N THR A 413 16.96 7.69 8.92
CA THR A 413 15.92 6.88 9.56
C THR A 413 14.64 7.65 9.88
N SER A 414 13.50 7.13 9.42
CA SER A 414 12.19 7.72 9.70
C SER A 414 12.22 9.28 9.75
N PHE A 415 12.58 9.89 8.62
CA PHE A 415 12.98 11.29 8.57
C PHE A 415 12.05 12.29 9.27
N TYR A 416 10.82 12.44 8.77
CA TYR A 416 9.97 13.49 9.33
C TYR A 416 9.60 13.20 10.79
N PRO A 417 9.22 11.96 11.10
CA PRO A 417 8.99 11.68 12.52
C PRO A 417 10.24 11.95 13.38
N SER A 418 11.43 11.69 12.87
CA SER A 418 12.61 12.01 13.67
C SER A 418 12.78 13.52 13.84
N ILE A 419 12.41 14.32 12.84
CA ILE A 419 12.41 15.79 12.99
C ILE A 419 11.39 16.24 14.03
N ILE A 420 10.20 15.65 13.99
CA ILE A 420 9.19 15.95 14.99
C ILE A 420 9.76 15.72 16.39
N ARG A 421 10.39 14.57 16.58
CA ARG A 421 10.95 14.19 17.88
C ARG A 421 12.14 15.06 18.27
N GLN A 422 13.13 15.16 17.39
CA GLN A 422 14.31 15.98 17.65
C GLN A 422 13.97 17.42 18.07
N VAL A 423 13.09 18.06 17.31
CA VAL A 423 12.81 19.49 17.50
C VAL A 423 11.76 19.65 18.59
N ASN A 424 10.99 18.59 18.80
CA ASN A 424 9.89 18.59 19.76
C ASN A 424 8.68 19.39 19.25
N ILE A 425 8.25 19.04 18.04
CA ILE A 425 7.15 19.75 17.39
C ILE A 425 5.79 19.16 17.78
N SER A 426 4.94 19.99 18.38
CA SER A 426 3.65 19.54 18.89
C SER A 426 2.79 20.79 18.99
N PRO A 427 1.45 20.65 19.06
CA PRO A 427 0.66 21.87 19.15
C PRO A 427 0.97 22.66 20.43
N GLU A 428 1.30 21.95 21.50
CA GLU A 428 1.39 22.58 22.81
C GLU A 428 2.81 22.90 23.25
N THR A 429 3.79 22.55 22.43
CA THR A 429 5.19 22.85 22.76
C THR A 429 5.75 24.08 22.02
N ILE A 430 4.90 24.76 21.27
CA ILE A 430 5.33 25.99 20.60
C ILE A 430 5.74 27.04 21.65
N ALA A 431 6.91 27.64 21.46
CA ALA A 431 7.44 28.63 22.40
C ALA A 431 7.36 30.04 21.84
N GLY A 432 7.56 30.15 20.54
CA GLY A 432 7.53 31.46 19.92
C GLY A 432 8.18 31.40 18.56
N THR A 433 8.70 32.54 18.11
CA THR A 433 9.33 32.61 16.82
C THR A 433 10.65 33.40 16.86
N PHE A 434 11.42 33.31 15.79
CA PHE A 434 12.63 34.12 15.59
C PHE A 434 12.69 34.63 14.17
N LYS A 435 13.47 35.67 13.92
CA LYS A 435 13.59 36.23 12.58
C LYS A 435 14.49 35.35 11.71
N VAL A 436 13.96 34.87 10.60
CA VAL A 436 14.65 33.88 9.79
C VAL A 436 15.63 34.50 8.79
N ALA A 437 16.83 33.95 8.75
CA ALA A 437 17.75 34.23 7.66
C ALA A 437 17.32 33.36 6.46
N PRO A 438 17.85 33.66 5.26
CA PRO A 438 17.60 32.82 4.09
C PRO A 438 18.07 31.40 4.38
N LEU A 439 17.43 30.40 3.76
CA LEU A 439 17.68 29.02 4.15
C LEU A 439 19.15 28.64 4.01
N HIS A 440 19.78 29.07 2.92
CA HIS A 440 21.13 28.63 2.62
C HIS A 440 22.14 29.18 3.62
N ASP A 441 21.72 30.21 4.35
CA ASP A 441 22.52 30.76 5.43
C ASP A 441 22.60 29.77 6.58
N TYR A 442 21.51 29.04 6.83
CA TYR A 442 21.54 27.98 7.83
C TYR A 442 22.32 26.78 7.30
N ILE A 443 22.06 26.40 6.06
CA ILE A 443 22.73 25.25 5.43
C ILE A 443 24.23 25.45 5.44
N ASN A 444 24.66 26.70 5.26
CA ASN A 444 26.08 27.05 5.25
C ASN A 444 26.67 27.49 6.61
N ALA A 445 25.90 27.30 7.69
CA ALA A 445 26.35 27.67 9.04
C ALA A 445 26.89 29.12 9.11
N VAL A 446 26.15 30.03 8.49
CA VAL A 446 26.53 31.44 8.41
C VAL A 446 25.52 32.30 9.16
N ALA A 447 24.29 31.79 9.29
CA ALA A 447 23.23 32.57 9.92
C ALA A 447 23.39 32.57 11.42
N GLU A 448 22.79 33.55 12.06
CA GLU A 448 22.88 33.69 13.50
C GLU A 448 22.12 32.54 14.16
N ARG A 449 22.73 31.91 15.16
CA ARG A 449 22.09 30.85 15.91
C ARG A 449 20.71 31.31 16.37
N PRO A 450 19.66 30.65 15.89
CA PRO A 450 18.31 31.16 16.12
C PRO A 450 18.00 31.40 17.59
N SER A 451 18.32 30.44 18.44
CA SER A 451 17.97 30.56 19.84
C SER A 451 18.91 29.81 20.76
N ASP A 452 19.04 30.35 21.96
CA ASP A 452 19.94 29.88 22.99
C ASP A 452 19.18 29.05 24.02
N VAL A 453 17.86 29.17 24.00
CA VAL A 453 16.99 28.67 25.06
C VAL A 453 15.99 27.63 24.53
N TYR A 454 15.50 27.83 23.31
CA TYR A 454 14.47 26.97 22.74
C TYR A 454 14.98 26.17 21.56
N SER A 455 14.23 25.13 21.19
CA SER A 455 14.59 24.25 20.07
C SER A 455 13.93 24.75 18.78
N CYS A 456 14.71 24.85 17.71
CA CYS A 456 14.31 25.64 16.55
C CYS A 456 14.29 24.92 15.20
N SER A 457 13.42 25.40 14.32
CA SER A 457 13.46 25.01 12.93
C SER A 457 13.73 26.26 12.10
N PRO A 458 14.46 26.09 10.98
CA PRO A 458 14.82 27.24 10.13
C PRO A 458 13.62 27.92 9.45
N ASN A 459 12.41 27.41 9.65
CA ASN A 459 11.23 28.18 9.24
C ASN A 459 10.87 29.32 10.21
N GLY A 460 11.57 29.41 11.34
CA GLY A 460 11.32 30.48 12.32
C GLY A 460 10.67 30.06 13.64
N MET A 461 10.29 28.80 13.77
CA MET A 461 9.55 28.36 14.96
C MET A 461 10.47 27.86 16.07
N MET A 462 10.14 28.20 17.30
CA MET A 462 10.88 27.71 18.47
C MET A 462 9.91 26.93 19.34
N TYR A 463 10.42 25.87 19.95
CA TYR A 463 9.63 25.02 20.83
C TYR A 463 10.36 24.79 22.14
N TYR A 464 9.61 24.47 23.19
CA TYR A 464 10.23 24.18 24.48
C TYR A 464 11.02 22.87 24.44
N LYS A 465 12.21 22.88 25.01
CA LYS A 465 13.08 21.70 25.02
C LYS A 465 12.77 20.80 26.20
N ASP A 466 12.32 21.39 27.30
CA ASP A 466 12.08 20.67 28.54
C ASP A 466 10.86 19.78 28.38
N ARG A 467 9.72 20.44 28.22
CA ARG A 467 8.41 19.81 28.17
C ARG A 467 8.30 18.69 27.13
N ASP A 468 7.51 17.68 27.45
CA ASP A 468 7.18 16.64 26.49
C ASP A 468 5.93 17.05 25.73
N GLY A 469 5.90 16.75 24.43
CA GLY A 469 4.74 17.02 23.62
C GLY A 469 4.01 15.74 23.30
N VAL A 470 2.68 15.80 23.17
CA VAL A 470 1.92 14.62 22.90
C VAL A 470 2.21 14.08 21.50
N VAL A 471 2.51 14.95 20.53
CA VAL A 471 2.83 14.48 19.18
C VAL A 471 4.15 13.69 19.17
N PRO A 472 5.25 14.30 19.62
CA PRO A 472 6.51 13.54 19.70
C PRO A 472 6.36 12.27 20.53
N THR A 473 5.60 12.35 21.63
CA THR A 473 5.43 11.22 22.53
C THR A 473 4.74 10.04 21.87
N GLU A 474 3.62 10.29 21.22
CA GLU A 474 2.84 9.21 20.62
C GLU A 474 3.44 8.70 19.29
N ILE A 475 4.09 9.58 18.55
CA ILE A 475 4.77 9.17 17.33
C ILE A 475 6.00 8.32 17.67
N THR A 476 6.62 8.58 18.81
CA THR A 476 7.75 7.75 19.21
C THR A 476 7.27 6.32 19.56
N LYS A 477 6.10 6.21 20.17
CA LYS A 477 5.60 4.89 20.54
C LYS A 477 5.42 4.02 19.29
N VAL A 478 4.76 4.54 18.26
CA VAL A 478 4.56 3.79 17.02
C VAL A 478 5.87 3.60 16.24
N PHE A 479 6.74 4.60 16.28
CA PHE A 479 8.01 4.43 15.62
C PHE A 479 8.78 3.23 16.15
N ASN A 480 8.68 3.00 17.46
CA ASN A 480 9.42 1.91 18.07
C ASN A 480 8.85 0.56 17.63
N GLN A 481 7.52 0.49 17.45
CA GLN A 481 6.90 -0.72 16.89
C GLN A 481 7.38 -0.96 15.48
N ARG A 482 7.44 0.12 14.70
CA ARG A 482 7.93 0.04 13.33
C ARG A 482 9.33 -0.55 13.30
N LYS A 483 10.21 0.02 14.11
CA LYS A 483 11.58 -0.43 14.18
C LYS A 483 11.71 -1.92 14.57
N GLU A 484 10.87 -2.38 15.50
CA GLU A 484 10.93 -3.80 15.86
C GLU A 484 10.61 -4.67 14.64
N HIS A 485 9.48 -4.43 14.01
CA HIS A 485 9.08 -5.25 12.87
C HIS A 485 10.04 -5.15 11.71
N LYS A 486 10.66 -4.00 11.50
CA LYS A 486 11.60 -3.90 10.39
C LYS A 486 12.82 -4.80 10.60
N GLY A 487 13.22 -4.98 11.86
CA GLY A 487 14.33 -5.85 12.19
C GLY A 487 14.02 -7.27 11.78
N TYR A 488 12.83 -7.74 12.16
CA TYR A 488 12.34 -9.05 11.73
C TYR A 488 12.36 -9.15 10.22
N MET A 489 11.88 -8.11 9.54
CA MET A 489 11.85 -8.12 8.08
CA MET A 489 11.85 -8.12 8.08
C MET A 489 13.23 -8.28 7.49
N LEU A 490 14.16 -7.45 7.94
CA LEU A 490 15.52 -7.49 7.39
C LEU A 490 16.27 -8.78 7.72
N ALA A 491 16.11 -9.27 8.95
CA ALA A 491 16.72 -10.55 9.32
C ALA A 491 16.17 -11.65 8.41
N ALA A 492 14.84 -11.74 8.32
CA ALA A 492 14.21 -12.71 7.44
C ALA A 492 14.78 -12.59 6.05
N GLN A 493 15.08 -11.36 5.66
CA GLN A 493 15.59 -11.10 4.33
C GLN A 493 17.01 -11.60 4.19
N ARG A 494 17.78 -11.46 5.26
CA ARG A 494 19.17 -11.94 5.27
C ARG A 494 19.18 -13.46 5.26
N ASN A 495 18.41 -14.06 6.15
CA ASN A 495 18.18 -15.50 6.12
C ASN A 495 17.89 -15.96 4.68
N GLY A 496 17.04 -15.23 4.00
CA GLY A 496 16.67 -15.54 2.62
C GLY A 496 17.88 -15.70 1.71
N GLU A 497 18.81 -14.75 1.79
CA GLU A 497 20.02 -14.80 0.95
C GLU A 497 20.92 -15.96 1.34
N ILE A 498 20.97 -16.29 2.63
CA ILE A 498 21.70 -17.47 3.08
C ILE A 498 21.16 -18.68 2.35
N ILE A 499 19.84 -18.82 2.36
CA ILE A 499 19.17 -19.96 1.77
C ILE A 499 19.34 -20.00 0.26
N LYS A 500 19.38 -18.84 -0.38
CA LYS A 500 19.57 -18.76 -1.84
C LYS A 500 20.98 -19.19 -2.26
N GLU A 501 21.95 -18.99 -1.37
CA GLU A 501 23.33 -19.38 -1.64
C GLU A 501 23.52 -20.90 -1.56
N ALA A 502 23.11 -21.47 -0.43
CA ALA A 502 23.19 -22.92 -0.21
C ALA A 502 22.41 -23.70 -1.27
N LEU A 503 21.42 -23.06 -1.88
CA LEU A 503 20.65 -23.70 -2.93
C LEU A 503 21.48 -23.88 -4.19
N HIS A 504 22.69 -23.35 -4.19
CA HIS A 504 23.60 -23.55 -5.33
C HIS A 504 24.20 -24.95 -5.33
N ASN A 505 24.45 -25.48 -4.14
CA ASN A 505 25.00 -26.82 -4.00
C ASN A 505 24.16 -27.69 -3.09
N PRO A 506 22.97 -28.07 -3.54
CA PRO A 506 22.07 -28.84 -2.68
C PRO A 506 22.47 -30.30 -2.61
N ASN A 507 22.45 -30.87 -1.41
CA ASN A 507 22.74 -32.29 -1.23
C ASN A 507 21.67 -33.15 -1.90
N LEU A 508 22.09 -34.20 -2.59
CA LEU A 508 21.14 -35.14 -3.17
C LEU A 508 20.70 -36.15 -2.12
N SER A 509 19.74 -35.75 -1.28
CA SER A 509 19.26 -36.59 -0.20
C SER A 509 17.82 -36.26 0.19
N VAL A 510 17.31 -36.94 1.21
CA VAL A 510 15.94 -36.72 1.69
C VAL A 510 15.92 -36.26 3.16
N ASP A 511 15.16 -35.21 3.43
CA ASP A 511 15.11 -34.60 4.75
C ASP A 511 13.97 -33.58 4.84
N GLU A 512 13.98 -32.78 5.91
CA GLU A 512 12.91 -31.84 6.17
C GLU A 512 13.42 -30.43 6.45
N PRO A 513 12.55 -29.41 6.24
CA PRO A 513 12.82 -28.02 6.59
C PRO A 513 13.12 -27.89 8.08
N LEU A 514 14.17 -27.16 8.44
CA LEU A 514 14.51 -26.98 9.85
C LEU A 514 13.45 -26.12 10.55
N ASP A 515 13.22 -26.42 11.83
CA ASP A 515 12.26 -25.65 12.63
C ASP A 515 12.95 -24.42 13.21
N VAL A 516 12.78 -23.28 12.53
CA VAL A 516 13.50 -22.05 12.89
C VAL A 516 12.64 -20.80 12.79
N ASP A 517 13.00 -19.76 13.53
CA ASP A 517 12.26 -18.51 13.52
C ASP A 517 12.99 -17.54 12.59
N TYR A 518 12.44 -17.34 11.40
CA TYR A 518 13.12 -16.57 10.36
C TYR A 518 13.23 -15.07 10.66
N ARG A 519 12.52 -14.61 11.70
CA ARG A 519 12.62 -13.22 12.14
C ARG A 519 14.00 -12.88 12.75
N PHE A 520 14.81 -13.90 13.03
CA PHE A 520 16.12 -13.69 13.66
C PHE A 520 17.24 -14.34 12.86
N ASP A 521 18.39 -13.69 12.81
CA ASP A 521 19.49 -14.19 11.98
C ASP A 521 19.88 -15.59 12.40
N PHE A 522 19.98 -16.48 11.41
CA PHE A 522 20.30 -17.88 11.64
C PHE A 522 21.54 -18.00 12.50
N SER A 523 21.51 -18.94 13.45
CA SER A 523 22.72 -19.33 14.20
C SER A 523 23.68 -20.15 13.33
N ASP A 524 24.96 -20.11 13.69
CA ASP A 524 25.97 -20.84 12.93
C ASP A 524 25.65 -22.33 12.88
N GLU A 525 24.93 -22.81 13.90
CA GLU A 525 24.48 -24.19 13.93
C GLU A 525 23.43 -24.40 12.85
N ILE A 526 22.51 -23.45 12.75
CA ILE A 526 21.47 -23.51 11.73
C ILE A 526 22.08 -23.45 10.33
N LYS A 527 23.07 -22.57 10.15
CA LYS A 527 23.70 -22.44 8.85
C LYS A 527 24.37 -23.75 8.44
N GLU A 528 25.02 -24.41 9.41
CA GLU A 528 25.70 -25.66 9.11
C GLU A 528 24.67 -26.69 8.64
N LYS A 529 23.62 -26.89 9.41
CA LYS A 529 22.57 -27.78 8.98
C LYS A 529 22.13 -27.39 7.57
N ILE A 530 21.72 -26.14 7.39
CA ILE A 530 21.27 -25.63 6.10
C ILE A 530 22.12 -26.17 4.94
N LYS A 531 23.43 -26.03 5.04
CA LYS A 531 24.32 -26.42 3.95
C LYS A 531 24.36 -27.95 3.77
N LYS A 532 23.52 -28.66 4.52
CA LYS A 532 23.41 -30.10 4.39
C LYS A 532 22.01 -30.55 3.95
N LEU A 533 21.13 -29.59 3.67
CA LEU A 533 19.75 -29.90 3.30
C LEU A 533 19.58 -30.17 1.80
N SER A 534 18.55 -30.96 1.48
CA SER A 534 18.14 -31.18 0.10
C SER A 534 17.57 -29.91 -0.53
N ALA A 535 17.56 -29.85 -1.86
CA ALA A 535 16.93 -28.75 -2.57
C ALA A 535 15.48 -28.60 -2.12
N LYS A 536 14.72 -29.70 -2.18
CA LYS A 536 13.33 -29.71 -1.75
C LYS A 536 13.17 -28.96 -0.42
N SER A 537 13.90 -29.39 0.60
CA SER A 537 13.80 -28.78 1.92
C SER A 537 14.24 -27.31 1.91
N LEU A 538 15.23 -26.99 1.08
CA LEU A 538 15.72 -25.62 0.99
C LEU A 538 14.69 -24.69 0.36
N ASN A 539 14.17 -25.06 -0.81
CA ASN A 539 13.10 -24.28 -1.43
C ASN A 539 11.91 -24.05 -0.51
N GLU A 540 11.53 -25.05 0.29
CA GLU A 540 10.49 -24.83 1.27
C GLU A 540 10.92 -23.83 2.36
N MET A 541 12.18 -23.92 2.80
CA MET A 541 12.69 -22.96 3.80
C MET A 541 12.69 -21.55 3.23
N LEU A 542 13.09 -21.43 1.97
CA LEU A 542 13.17 -20.14 1.29
C LEU A 542 11.79 -19.51 1.18
N PHE A 543 10.78 -20.35 0.96
CA PHE A 543 9.40 -19.90 0.88
C PHE A 543 9.00 -19.31 2.23
N ARG A 544 9.29 -20.04 3.29
CA ARG A 544 8.90 -19.64 4.63
C ARG A 544 9.61 -18.36 5.05
N ALA A 545 10.83 -18.20 4.54
CA ALA A 545 11.61 -17.02 4.83
C ALA A 545 10.95 -15.82 4.17
N GLN A 546 10.70 -15.95 2.86
CA GLN A 546 10.08 -14.90 2.08
C GLN A 546 8.71 -14.53 2.64
N ARG A 547 7.94 -15.53 3.07
CA ARG A 547 6.68 -15.27 3.78
C ARG A 547 6.88 -14.52 5.10
N THR A 548 7.95 -14.85 5.83
CA THR A 548 8.25 -14.11 7.05
C THR A 548 8.67 -12.66 6.75
N GLU A 549 9.38 -12.46 5.64
CA GLU A 549 9.78 -11.12 5.23
C GLU A 549 8.54 -10.30 4.84
N VAL A 550 7.63 -10.90 4.09
CA VAL A 550 6.43 -10.18 3.70
C VAL A 550 5.65 -9.78 4.95
N ALA A 551 5.51 -10.72 5.88
CA ALA A 551 4.76 -10.43 7.10
C ALA A 551 5.43 -9.28 7.84
N GLY A 552 6.75 -9.28 7.85
CA GLY A 552 7.50 -8.20 8.47
C GLY A 552 7.32 -6.89 7.72
N MET A 553 7.31 -6.97 6.38
CA MET A 553 7.16 -5.80 5.54
C MET A 553 5.81 -5.13 5.81
N THR A 554 4.72 -5.89 5.76
CA THR A 554 3.41 -5.34 6.10
C THR A 554 3.42 -4.58 7.44
N ALA A 555 3.99 -5.21 8.47
CA ALA A 555 3.96 -4.62 9.81
C ALA A 555 4.80 -3.35 9.88
N GLN A 556 5.95 -3.33 9.21
CA GLN A 556 6.86 -2.20 9.33
C GLN A 556 6.44 -1.03 8.44
N ILE A 557 6.25 -1.29 7.14
CA ILE A 557 5.93 -0.23 6.19
C ILE A 557 4.61 0.48 6.50
N ASN A 558 3.67 -0.24 7.11
CA ASN A 558 2.40 0.40 7.43
C ASN A 558 2.42 1.21 8.73
N ARG A 559 3.29 0.84 9.68
CA ARG A 559 3.50 1.71 10.83
C ARG A 559 4.31 2.93 10.41
N LYS A 560 5.28 2.71 9.52
CA LYS A 560 5.92 3.83 8.83
C LYS A 560 4.88 4.76 8.20
N LEU A 561 3.92 4.17 7.50
CA LEU A 561 2.90 4.97 6.84
C LEU A 561 2.07 5.74 7.86
N LEU A 562 1.77 5.10 8.99
CA LEU A 562 0.89 5.73 9.96
C LEU A 562 1.59 6.96 10.55
N ILE A 563 2.88 6.85 10.88
CA ILE A 563 3.56 7.98 11.50
C ILE A 563 3.89 9.07 10.50
N ASN A 564 4.16 8.70 9.25
CA ASN A 564 4.33 9.73 8.24
C ASN A 564 3.02 10.43 8.01
N SER A 565 1.92 9.68 8.14
CA SER A 565 0.59 10.29 8.00
C SER A 565 0.29 11.26 9.13
N LEU A 566 0.93 11.09 10.28
CA LEU A 566 0.76 12.08 11.35
C LEU A 566 1.41 13.38 10.89
N TYR A 567 2.57 13.26 10.26
CA TYR A 567 3.20 14.38 9.60
C TYR A 567 2.22 15.00 8.59
N GLY A 568 1.68 14.16 7.71
CA GLY A 568 0.79 14.64 6.67
C GLY A 568 -0.37 15.40 7.27
N ALA A 569 -0.94 14.82 8.31
CA ALA A 569 -2.20 15.30 8.87
C ALA A 569 -2.09 16.70 9.46
N LEU A 570 -0.88 17.07 9.89
CA LEU A 570 -0.66 18.42 10.40
C LEU A 570 -0.97 19.46 9.32
N GLY A 571 -1.04 19.02 8.07
CA GLY A 571 -1.28 19.92 6.94
C GLY A 571 -2.61 19.65 6.27
N ASN A 572 -3.45 18.84 6.92
CA ASN A 572 -4.83 18.66 6.47
C ASN A 572 -5.81 19.39 7.37
N VAL A 573 -6.69 20.21 6.78
CA VAL A 573 -7.53 21.11 7.57
C VAL A 573 -8.61 20.38 8.36
N TRP A 574 -8.78 19.09 8.11
CA TRP A 574 -9.75 18.31 8.88
C TRP A 574 -9.12 17.69 10.14
N PHE A 575 -7.81 17.87 10.30
CA PHE A 575 -7.12 17.32 11.45
C PHE A 575 -7.29 18.25 12.64
N ARG A 576 -7.72 17.71 13.79
CA ARG A 576 -7.89 18.54 14.98
C ARG A 576 -6.65 19.40 15.27
N TYR A 577 -5.45 18.87 15.02
CA TYR A 577 -4.22 19.63 15.31
C TYR A 577 -3.52 20.21 14.06
N TYR A 578 -4.30 20.45 13.02
CA TYR A 578 -3.81 21.15 11.83
C TYR A 578 -3.03 22.36 12.26
N ASP A 579 -1.83 22.54 11.72
CA ASP A 579 -1.07 23.77 11.98
C ASP A 579 0.09 23.92 10.98
N LEU A 580 -0.09 24.81 10.00
CA LEU A 580 0.91 24.98 8.95
C LEU A 580 2.27 25.43 9.49
N ARG A 581 2.31 25.93 10.73
CA ARG A 581 3.57 26.34 11.36
C ARG A 581 4.41 25.13 11.72
N ASN A 582 3.75 24.10 12.24
CA ASN A 582 4.41 22.84 12.52
C ASN A 582 4.69 22.06 11.24
N ALA A 583 3.74 22.06 10.31
CA ALA A 583 3.96 21.30 9.08
C ALA A 583 5.20 21.87 8.40
N THR A 584 5.21 23.18 8.24
CA THR A 584 6.33 23.81 7.57
C THR A 584 7.63 23.73 8.37
N ALA A 585 7.51 23.76 9.70
CA ALA A 585 8.68 23.63 10.56
C ALA A 585 9.39 22.35 10.19
N ILE A 586 8.61 21.30 9.99
CA ILE A 586 9.16 19.98 9.63
C ILE A 586 9.83 19.97 8.25
N THR A 587 9.08 20.32 7.20
CA THR A 587 9.63 20.26 5.84
C THR A 587 10.83 21.21 5.64
N THR A 588 10.75 22.41 6.20
CA THR A 588 11.88 23.36 6.10
C THR A 588 13.14 22.84 6.81
N PHE A 589 12.99 22.34 8.03
CA PHE A 589 14.08 21.72 8.74
C PHE A 589 14.70 20.58 7.89
N GLY A 590 13.83 19.82 7.22
CA GLY A 590 14.29 18.71 6.39
C GLY A 590 15.10 19.21 5.21
N GLN A 591 14.60 20.23 4.54
CA GLN A 591 15.38 20.83 3.46
C GLN A 591 16.78 21.22 3.93
N MET A 592 16.86 21.74 5.16
CA MET A 592 18.15 22.11 5.71
C MET A 592 19.01 20.90 6.00
N ALA A 593 18.43 19.94 6.72
CA ALA A 593 19.17 18.78 7.16
C ALA A 593 19.86 18.11 5.96
N LEU A 594 19.13 17.94 4.87
CA LEU A 594 19.68 17.31 3.67
C LEU A 594 20.84 18.09 3.06
N GLN A 595 20.60 19.36 2.77
CA GLN A 595 21.62 20.18 2.10
C GLN A 595 22.81 20.46 3.01
N TRP A 596 22.58 20.45 4.32
CA TRP A 596 23.65 20.54 5.31
C TRP A 596 24.58 19.34 5.26
N ILE A 597 24.01 18.14 5.20
CA ILE A 597 24.84 16.95 5.16
C ILE A 597 25.46 16.71 3.78
N GLU A 598 24.84 17.25 2.74
CA GLU A 598 25.49 17.21 1.44
C GLU A 598 26.85 17.88 1.63
N ARG A 599 26.84 19.06 2.25
CA ARG A 599 28.07 19.80 2.50
C ARG A 599 29.04 18.97 3.34
N LYS A 600 28.63 18.61 4.55
CA LYS A 600 29.52 17.85 5.42
C LYS A 600 30.10 16.64 4.70
N VAL A 601 29.24 15.90 4.00
CA VAL A 601 29.71 14.71 3.30
C VAL A 601 30.72 15.06 2.22
N ASN A 602 30.44 16.10 1.44
CA ASN A 602 31.36 16.55 0.42
C ASN A 602 32.70 17.00 1.03
N GLU A 603 32.62 17.78 2.10
CA GLU A 603 33.82 18.22 2.82
C GLU A 603 34.67 17.02 3.24
N TYR A 604 34.03 16.06 3.90
CA TYR A 604 34.73 14.94 4.50
C TYR A 604 35.42 14.06 3.48
N LEU A 605 34.88 14.00 2.26
CA LEU A 605 35.43 13.08 1.27
C LEU A 605 36.62 13.68 0.52
N ASN A 606 36.48 14.94 0.11
CA ASN A 606 37.62 15.68 -0.42
C ASN A 606 38.81 15.60 0.54
N GLU A 607 38.53 15.66 1.83
CA GLU A 607 39.58 15.61 2.85
C GLU A 607 40.31 14.26 2.84
N VAL A 608 39.61 13.19 3.22
CA VAL A 608 40.24 11.86 3.32
C VAL A 608 40.73 11.35 1.96
N CYS A 609 40.26 11.95 0.88
CA CYS A 609 40.77 11.63 -0.45
C CYS A 609 41.85 12.61 -0.86
N GLY A 610 42.11 13.60 -0.01
CA GLY A 610 43.14 14.59 -0.27
C GLY A 610 42.73 15.50 -1.41
N THR A 611 41.49 15.31 -1.85
CA THR A 611 40.93 16.09 -2.95
C THR A 611 40.46 17.46 -2.47
N GLU A 612 40.13 18.34 -3.42
CA GLU A 612 39.61 19.66 -3.09
C GLU A 612 38.66 20.18 -4.16
N GLY A 613 37.42 20.46 -3.76
CA GLY A 613 36.43 21.08 -4.62
C GLY A 613 35.65 20.10 -5.46
N GLU A 614 35.81 18.80 -5.19
CA GLU A 614 35.09 17.79 -5.95
C GLU A 614 33.70 17.54 -5.36
N ALA A 615 32.74 17.25 -6.23
CA ALA A 615 31.37 16.98 -5.80
C ALA A 615 31.16 15.49 -5.63
N PHE A 616 31.20 15.01 -4.40
CA PHE A 616 30.96 13.60 -4.16
C PHE A 616 29.47 13.25 -4.27
N VAL A 617 28.62 14.04 -3.64
CA VAL A 617 27.18 13.78 -3.69
C VAL A 617 26.60 14.19 -5.04
N LEU A 618 26.07 13.22 -5.77
CA LEU A 618 25.59 13.49 -7.12
C LEU A 618 24.06 13.68 -7.16
N TYR A 619 23.40 13.34 -6.06
CA TYR A 619 21.95 13.34 -6.01
C TYR A 619 21.45 13.18 -4.58
N GLY A 620 20.21 13.62 -4.35
CA GLY A 620 19.57 13.44 -3.07
C GLY A 620 18.11 13.81 -3.24
N ASP A 621 17.22 13.16 -2.49
CA ASP A 621 15.79 13.46 -2.59
C ASP A 621 15.20 13.38 -1.18
N THR A 622 14.85 14.55 -0.66
CA THR A 622 14.21 14.65 0.64
C THR A 622 15.22 14.40 1.75
N ASP A 623 15.72 13.17 1.84
CA ASP A 623 16.54 12.80 2.97
C ASP A 623 17.58 11.73 2.61
N SER A 624 17.95 11.65 1.35
CA SER A 624 18.88 10.62 0.94
C SER A 624 20.02 11.30 0.22
N ILE A 625 21.22 10.72 0.29
CA ILE A 625 22.30 11.15 -0.59
C ILE A 625 22.91 9.97 -1.33
N TYR A 626 23.16 10.16 -2.62
CA TYR A 626 23.84 9.17 -3.43
C TYR A 626 25.25 9.69 -3.70
N VAL A 627 26.24 8.98 -3.15
CA VAL A 627 27.62 9.42 -3.22
C VAL A 627 28.37 8.66 -4.31
N SER A 628 29.07 9.40 -5.16
CA SER A 628 29.93 8.78 -6.17
C SER A 628 31.19 8.24 -5.54
N ALA A 629 31.44 6.95 -5.71
CA ALA A 629 32.57 6.34 -5.02
C ALA A 629 33.70 5.94 -5.96
N ASP A 630 33.72 6.52 -7.15
CA ASP A 630 34.79 6.22 -8.10
C ASP A 630 36.14 6.49 -7.46
N LYS A 631 36.23 7.61 -6.74
CA LYS A 631 37.52 8.03 -6.19
C LYS A 631 37.95 7.29 -4.92
N ILE A 632 36.99 6.79 -4.16
CA ILE A 632 37.29 5.98 -2.99
C ILE A 632 37.89 4.68 -3.51
N ILE A 633 37.22 4.07 -4.50
CA ILE A 633 37.72 2.86 -5.14
C ILE A 633 39.09 3.11 -5.79
N ASP A 634 39.24 4.25 -6.46
CA ASP A 634 40.46 4.55 -7.20
C ASP A 634 41.68 4.84 -6.31
N LYS A 635 41.43 5.32 -5.10
CA LYS A 635 42.50 5.55 -4.14
C LYS A 635 43.19 4.25 -3.77
N VAL A 636 42.45 3.15 -3.86
CA VAL A 636 42.99 1.83 -3.55
C VAL A 636 43.47 1.13 -4.81
N GLY A 637 42.89 1.51 -5.95
CA GLY A 637 43.18 0.87 -7.22
C GLY A 637 42.39 -0.42 -7.37
N GLU A 638 41.75 -0.60 -8.53
CA GLU A 638 40.90 -1.77 -8.76
C GLU A 638 41.68 -3.08 -8.58
N SER A 639 42.93 -3.08 -9.03
CA SER A 639 43.75 -4.29 -9.01
C SER A 639 43.91 -4.86 -7.60
N LYS A 640 43.79 -4.00 -6.60
CA LYS A 640 43.92 -4.43 -5.21
C LYS A 640 42.78 -5.37 -4.77
N PHE A 641 41.81 -5.60 -5.67
CA PHE A 641 40.62 -6.36 -5.31
C PHE A 641 40.54 -7.71 -6.00
N ARG A 642 40.31 -8.75 -5.22
CA ARG A 642 40.19 -10.10 -5.75
C ARG A 642 38.95 -10.24 -6.63
N ASP A 643 37.79 -9.90 -6.08
CA ASP A 643 36.53 -10.05 -6.80
C ASP A 643 35.51 -8.96 -6.45
N THR A 644 34.38 -8.97 -7.14
CA THR A 644 33.33 -7.98 -6.89
C THR A 644 33.10 -7.85 -5.39
N ASN A 645 32.70 -8.96 -4.77
CA ASN A 645 32.39 -8.98 -3.36
C ASN A 645 33.49 -8.34 -2.50
N HIS A 646 34.72 -8.37 -3.01
CA HIS A 646 35.85 -7.81 -2.28
C HIS A 646 35.65 -6.32 -2.02
N TRP A 647 35.51 -5.54 -3.09
CA TRP A 647 35.35 -4.10 -2.92
C TRP A 647 34.00 -3.73 -2.29
N VAL A 648 32.99 -4.56 -2.53
CA VAL A 648 31.73 -4.38 -1.84
C VAL A 648 31.96 -4.44 -0.33
N ASP A 649 32.74 -5.42 0.13
CA ASP A 649 33.10 -5.46 1.54
C ASP A 649 33.82 -4.17 1.90
N PHE A 650 34.71 -3.75 1.02
CA PHE A 650 35.48 -2.53 1.23
C PHE A 650 34.59 -1.33 1.54
N LEU A 651 33.62 -1.09 0.67
CA LEU A 651 32.77 0.08 0.81
C LEU A 651 31.84 -0.05 2.01
N ASP A 652 31.37 -1.26 2.28
CA ASP A 652 30.56 -1.51 3.47
C ASP A 652 31.34 -1.06 4.69
N LYS A 653 32.60 -1.47 4.77
CA LYS A 653 33.46 -1.12 5.90
C LYS A 653 33.69 0.38 5.89
N PHE A 654 34.20 0.89 4.77
CA PHE A 654 34.46 2.32 4.63
C PHE A 654 33.28 3.14 5.11
N ALA A 655 32.08 2.74 4.68
CA ALA A 655 30.91 3.53 5.00
C ALA A 655 30.63 3.42 6.47
N ARG A 656 30.80 2.20 7.01
CA ARG A 656 30.48 1.93 8.39
C ARG A 656 31.46 2.61 9.32
N GLU A 657 32.75 2.45 9.03
CA GLU A 657 33.80 2.89 9.94
C GLU A 657 34.18 4.37 9.80
N ARG A 658 34.17 4.87 8.57
CA ARG A 658 34.61 6.24 8.32
C ARG A 658 33.45 7.24 8.12
N MET A 659 32.62 6.98 7.12
CA MET A 659 31.60 7.94 6.70
C MET A 659 30.53 8.20 7.76
N GLU A 660 29.88 7.16 8.26
CA GLU A 660 28.79 7.35 9.21
C GLU A 660 29.20 8.15 10.47
N PRO A 661 30.35 7.81 11.09
CA PRO A 661 30.81 8.62 12.21
C PRO A 661 30.97 10.11 11.87
N ALA A 662 31.44 10.40 10.65
CA ALA A 662 31.60 11.79 10.21
C ALA A 662 30.24 12.47 10.11
N ILE A 663 29.28 11.79 9.49
CA ILE A 663 27.91 12.27 9.38
C ILE A 663 27.31 12.40 10.78
N ASP A 664 27.57 11.41 11.63
CA ASP A 664 27.13 11.50 13.02
C ASP A 664 27.61 12.82 13.59
N ARG A 665 28.92 13.07 13.49
CA ARG A 665 29.48 14.37 13.92
C ARG A 665 28.78 15.53 13.20
N GLY A 666 28.59 15.40 11.88
CA GLY A 666 27.95 16.43 11.08
C GLY A 666 26.56 16.83 11.57
N PHE A 667 25.76 15.85 11.97
CA PHE A 667 24.40 16.15 12.42
C PHE A 667 24.38 16.62 13.86
N ARG A 668 25.25 16.07 14.70
CA ARG A 668 25.33 16.51 16.09
C ARG A 668 25.58 18.00 16.15
N GLU A 669 26.32 18.52 15.18
CA GLU A 669 26.62 19.95 15.14
C GLU A 669 25.37 20.72 14.73
N MET A 670 24.62 20.16 13.78
CA MET A 670 23.38 20.79 13.36
C MET A 670 22.41 20.84 14.52
N CYS A 671 22.30 19.73 15.23
CA CYS A 671 21.45 19.65 16.40
C CYS A 671 21.83 20.77 17.36
N GLU A 672 23.13 20.95 17.55
CA GLU A 672 23.66 21.98 18.43
C GLU A 672 23.25 23.35 17.91
N TYR A 673 23.44 23.54 16.61
CA TYR A 673 23.19 24.79 15.91
C TYR A 673 21.75 25.27 16.09
N MET A 674 20.81 24.32 16.08
CA MET A 674 19.40 24.58 16.22
C MET A 674 18.93 24.40 17.65
N ASN A 675 19.85 24.06 18.53
CA ASN A 675 19.51 23.85 19.94
C ASN A 675 18.33 22.90 20.11
N ASN A 676 18.31 21.82 19.34
CA ASN A 676 17.19 20.87 19.37
C ASN A 676 17.16 20.02 20.64
N LYS A 677 15.97 19.54 20.99
CA LYS A 677 15.79 18.72 22.20
C LYS A 677 16.64 17.46 22.18
N GLN A 678 16.72 16.78 21.04
CA GLN A 678 17.52 15.54 20.95
C GLN A 678 18.01 15.18 19.56
N HIS A 679 19.28 14.82 19.46
CA HIS A 679 19.88 14.33 18.22
C HIS A 679 19.24 13.01 17.76
N LEU A 680 18.50 13.07 16.66
CA LEU A 680 17.81 11.90 16.16
C LEU A 680 17.92 11.79 14.64
N MET A 681 18.84 12.55 14.05
CA MET A 681 19.17 12.44 12.62
C MET A 681 20.17 11.30 12.42
N PHE A 682 19.65 10.11 12.17
CA PHE A 682 20.48 8.92 12.03
C PHE A 682 20.52 8.45 10.59
N MET A 683 21.59 8.83 9.89
CA MET A 683 21.75 8.50 8.48
C MET A 683 22.71 7.33 8.26
N ASP A 684 22.17 6.20 7.82
CA ASP A 684 22.96 4.99 7.61
C ASP A 684 23.12 4.69 6.14
N ARG A 685 24.14 3.92 5.80
CA ARG A 685 24.38 3.55 4.42
C ARG A 685 23.22 2.71 3.90
N GLU A 686 22.80 2.99 2.68
CA GLU A 686 21.69 2.29 2.07
C GLU A 686 22.20 1.26 1.07
N ALA A 687 22.45 1.72 -0.15
CA ALA A 687 22.84 0.81 -1.23
C ALA A 687 24.32 0.93 -1.60
N ILE A 688 24.95 -0.21 -1.85
CA ILE A 688 26.25 -0.21 -2.51
C ILE A 688 26.09 -0.74 -3.93
N ALA A 689 26.48 0.07 -4.90
CA ALA A 689 26.22 -0.25 -6.30
C ALA A 689 27.45 -0.08 -7.17
N GLY A 690 27.50 -0.82 -8.28
CA GLY A 690 28.61 -0.76 -9.21
C GLY A 690 28.60 -1.95 -10.17
N PRO A 691 29.35 -1.84 -11.27
CA PRO A 691 29.43 -2.91 -12.27
C PRO A 691 30.16 -4.15 -11.73
N PRO A 692 29.92 -5.33 -12.33
CA PRO A 692 30.66 -6.50 -11.87
C PRO A 692 32.14 -6.30 -12.22
N LEU A 693 33.03 -6.74 -11.34
CA LEU A 693 34.47 -6.55 -11.54
C LEU A 693 34.92 -7.15 -12.87
N GLY A 694 35.67 -6.36 -13.64
CA GLY A 694 36.23 -6.85 -14.88
C GLY A 694 35.29 -6.74 -16.05
N SER A 695 34.02 -6.48 -15.75
CA SER A 695 32.96 -6.34 -16.75
C SER A 695 33.02 -4.98 -17.42
N LYS A 696 32.30 -4.84 -18.54
CA LYS A 696 32.16 -3.54 -19.19
C LYS A 696 30.83 -2.87 -18.83
N GLY A 697 30.18 -3.34 -17.77
CA GLY A 697 28.93 -2.74 -17.32
C GLY A 697 29.16 -1.37 -16.72
N ILE A 698 28.17 -0.48 -16.86
CA ILE A 698 28.35 0.91 -16.44
C ILE A 698 27.92 1.18 -15.00
N GLY A 699 27.36 0.18 -14.34
CA GLY A 699 27.02 0.29 -12.94
C GLY A 699 25.71 0.99 -12.61
N GLY A 700 25.56 2.22 -13.09
CA GLY A 700 24.38 3.01 -12.79
C GLY A 700 24.26 4.19 -13.73
N PHE A 701 23.08 4.81 -13.76
CA PHE A 701 22.86 6.06 -14.49
C PHE A 701 21.64 6.83 -13.98
N TRP A 702 21.65 8.14 -14.18
CA TRP A 702 20.54 9.02 -13.84
C TRP A 702 20.08 9.72 -15.11
N THR A 703 18.77 9.86 -15.30
CA THR A 703 18.30 10.67 -16.44
C THR A 703 17.86 12.05 -15.94
N GLY A 704 17.54 12.14 -14.65
CA GLY A 704 17.04 13.37 -14.04
C GLY A 704 16.49 13.12 -12.64
N LYS A 705 15.85 14.12 -12.03
CA LYS A 705 15.22 13.91 -10.72
C LYS A 705 14.28 12.69 -10.73
N LYS A 706 14.41 11.84 -9.72
CA LYS A 706 13.47 10.74 -9.53
C LYS A 706 13.54 9.68 -10.65
N ARG A 707 14.56 9.78 -11.50
CA ARG A 707 14.75 8.80 -12.57
C ARG A 707 16.18 8.27 -12.64
N TYR A 708 16.40 7.07 -12.12
CA TYR A 708 17.72 6.46 -12.13
C TYR A 708 17.68 4.94 -12.03
N ALA A 709 18.80 4.29 -12.36
CA ALA A 709 18.97 2.86 -12.20
C ALA A 709 20.35 2.56 -11.65
N LEU A 710 20.42 1.63 -10.70
CA LEU A 710 21.67 1.22 -10.07
C LEU A 710 21.78 -0.31 -10.01
N ASN A 711 22.99 -0.83 -10.25
CA ASN A 711 23.26 -2.25 -10.05
C ASN A 711 23.76 -2.52 -8.63
N VAL A 712 22.87 -3.00 -7.78
CA VAL A 712 23.14 -3.06 -6.34
C VAL A 712 23.63 -4.44 -5.85
N TRP A 713 24.66 -4.41 -5.01
CA TRP A 713 25.22 -5.64 -4.41
C TRP A 713 24.90 -5.78 -2.94
N ASP A 714 24.70 -4.67 -2.24
CA ASP A 714 24.32 -4.75 -0.83
C ASP A 714 23.33 -3.64 -0.55
N MET A 715 22.26 -3.99 0.14
CA MET A 715 21.21 -3.03 0.44
C MET A 715 20.89 -3.10 1.91
N GLU A 716 21.30 -2.08 2.65
CA GLU A 716 20.97 -1.98 4.07
C GLU A 716 21.42 -3.22 4.85
N GLY A 717 22.53 -3.83 4.44
CA GLY A 717 23.10 -4.94 5.19
C GLY A 717 22.68 -6.30 4.69
N THR A 718 21.92 -6.31 3.59
CA THR A 718 21.61 -7.56 2.91
C THR A 718 22.59 -7.72 1.77
N ARG A 719 23.42 -8.77 1.85
CA ARG A 719 24.37 -9.04 0.77
C ARG A 719 23.73 -10.01 -0.21
N TYR A 720 23.38 -9.51 -1.39
CA TYR A 720 22.59 -10.30 -2.36
C TYR A 720 23.42 -11.44 -2.95
N ALA A 721 22.76 -12.56 -3.24
CA ALA A 721 23.41 -13.70 -3.86
C ALA A 721 23.76 -13.37 -5.30
N GLU A 722 22.86 -12.66 -5.96
CA GLU A 722 23.12 -12.11 -7.29
C GLU A 722 22.74 -10.63 -7.26
N PRO A 723 23.41 -9.80 -8.08
CA PRO A 723 23.15 -8.35 -8.03
C PRO A 723 21.68 -8.02 -8.34
N LYS A 724 21.14 -7.00 -7.69
CA LYS A 724 19.74 -6.61 -7.89
C LYS A 724 19.62 -5.21 -8.47
N LEU A 725 18.89 -5.06 -9.57
CA LEU A 725 18.70 -3.73 -10.13
C LEU A 725 17.80 -2.91 -9.21
N LYS A 726 18.24 -1.72 -8.83
CA LYS A 726 17.34 -0.78 -8.18
C LYS A 726 17.03 0.28 -9.21
N ILE A 727 15.81 0.26 -9.73
CA ILE A 727 15.39 1.21 -10.74
C ILE A 727 14.26 2.06 -10.19
N MET A 728 14.42 3.38 -10.30
CA MET A 728 13.46 4.33 -9.76
C MET A 728 12.93 5.24 -10.86
N GLY A 729 11.61 5.36 -10.97
CA GLY A 729 11.04 6.36 -11.88
C GLY A 729 10.93 5.91 -13.33
N LEU A 730 11.93 5.18 -13.81
CA LEU A 730 11.94 4.74 -15.21
C LEU A 730 10.71 3.91 -15.57
N GLU A 731 10.46 3.73 -16.87
CA GLU A 731 9.21 3.15 -17.35
C GLU A 731 9.02 1.71 -16.89
N THR A 732 10.12 1.04 -16.55
CA THR A 732 10.01 -0.34 -16.08
C THR A 732 9.21 -0.39 -14.78
N GLN A 733 9.08 0.76 -14.12
CA GLN A 733 8.47 0.77 -12.79
C GLN A 733 7.00 1.18 -12.83
N LYS A 734 6.53 1.55 -14.00
CA LYS A 734 5.23 2.20 -14.10
C LYS A 734 4.17 1.23 -14.58
N SER A 735 3.03 1.25 -13.92
CA SER A 735 1.95 0.30 -14.23
C SER A 735 1.37 0.57 -15.61
N SER A 736 1.60 1.77 -16.12
CA SER A 736 1.06 2.19 -17.41
C SER A 736 1.85 1.60 -18.60
N THR A 737 3.04 1.08 -18.33
CA THR A 737 3.90 0.52 -19.38
C THR A 737 3.50 -0.94 -19.70
N PRO A 738 3.48 -1.31 -20.98
CA PRO A 738 3.06 -2.69 -21.27
C PRO A 738 3.97 -3.71 -20.59
N LYS A 739 3.43 -4.85 -20.17
CA LYS A 739 4.27 -5.84 -19.48
C LYS A 739 5.55 -6.22 -20.22
N ALA A 740 5.44 -6.50 -21.51
CA ALA A 740 6.58 -6.97 -22.30
C ALA A 740 7.58 -5.84 -22.54
N VAL A 741 7.09 -4.61 -22.58
CA VAL A 741 7.99 -3.48 -22.71
C VAL A 741 8.76 -3.31 -21.40
N GLN A 742 8.07 -3.44 -20.26
CA GLN A 742 8.76 -3.37 -18.98
C GLN A 742 9.90 -4.39 -18.93
N LYS A 743 9.58 -5.64 -19.27
CA LYS A 743 10.54 -6.74 -19.19
C LYS A 743 11.69 -6.45 -20.14
N ALA A 744 11.37 -6.02 -21.36
CA ALA A 744 12.39 -5.71 -22.35
C ALA A 744 13.27 -4.55 -21.87
N LEU A 745 12.65 -3.44 -21.51
CA LEU A 745 13.41 -2.27 -21.07
C LEU A 745 14.28 -2.62 -19.86
N LYS A 746 13.78 -3.45 -18.96
CA LYS A 746 14.57 -3.84 -17.81
C LYS A 746 15.79 -4.64 -18.26
N GLU A 747 15.60 -5.51 -19.25
CA GLU A 747 16.74 -6.30 -19.73
C GLU A 747 17.78 -5.43 -20.40
N CYS A 748 17.35 -4.42 -21.16
CA CYS A 748 18.29 -3.44 -21.71
C CYS A 748 19.08 -2.79 -20.58
N ILE A 749 18.39 -2.44 -19.51
CA ILE A 749 19.06 -1.77 -18.40
C ILE A 749 20.03 -2.70 -17.68
N ARG A 750 19.58 -3.93 -17.42
CA ARG A 750 20.46 -4.93 -16.82
C ARG A 750 21.73 -5.04 -17.65
N ARG A 751 21.56 -5.09 -18.97
CA ARG A 751 22.71 -5.23 -19.87
C ARG A 751 23.65 -4.01 -19.81
N MET A 752 23.08 -2.81 -19.95
CA MET A 752 23.83 -1.56 -19.78
C MET A 752 24.68 -1.55 -18.51
N LEU A 753 24.07 -1.88 -17.38
CA LEU A 753 24.70 -1.70 -16.08
C LEU A 753 25.65 -2.84 -15.73
N GLN A 754 25.40 -4.02 -16.29
CA GLN A 754 26.13 -5.22 -15.90
C GLN A 754 27.14 -5.71 -16.94
N GLU A 755 26.83 -5.45 -18.21
CA GLU A 755 27.60 -6.03 -19.31
C GLU A 755 28.28 -5.01 -20.20
N GLY A 756 27.59 -3.91 -20.48
CA GLY A 756 28.16 -2.91 -21.37
C GLY A 756 27.35 -2.73 -22.63
N GLU A 757 27.77 -1.76 -23.44
CA GLU A 757 27.01 -1.32 -24.60
C GLU A 757 26.78 -2.39 -25.67
N GLU A 758 27.79 -3.21 -25.94
CA GLU A 758 27.67 -4.20 -27.00
C GLU A 758 26.55 -5.19 -26.69
N SER A 759 26.45 -5.60 -25.42
CA SER A 759 25.33 -6.43 -24.98
C SER A 759 24.01 -5.76 -25.30
N LEU A 760 23.85 -4.53 -24.82
CA LEU A 760 22.62 -3.78 -25.08
C LEU A 760 22.21 -3.88 -26.53
N GLN A 761 23.14 -3.58 -27.42
CA GLN A 761 22.84 -3.50 -28.84
C GLN A 761 22.41 -4.86 -29.41
N GLU A 762 23.05 -5.93 -28.95
CA GLU A 762 22.66 -7.29 -29.34
C GLU A 762 21.19 -7.53 -28.99
N TYR A 763 20.84 -7.24 -27.74
CA TYR A 763 19.48 -7.47 -27.26
C TYR A 763 18.46 -6.65 -28.04
N PHE A 764 18.76 -5.37 -28.23
CA PHE A 764 17.84 -4.50 -28.95
C PHE A 764 17.57 -5.01 -30.35
N LYS A 765 18.62 -5.32 -31.10
CA LYS A 765 18.47 -5.90 -32.43
C LYS A 765 17.45 -7.02 -32.35
N GLU A 766 17.63 -7.94 -31.42
CA GLU A 766 16.77 -9.11 -31.33
C GLU A 766 15.35 -8.70 -30.99
N PHE A 767 15.22 -7.83 -30.00
CA PHE A 767 13.89 -7.42 -29.58
C PHE A 767 13.15 -6.83 -30.78
N GLU A 768 13.80 -5.94 -31.51
CA GLU A 768 13.14 -5.29 -32.61
C GLU A 768 12.66 -6.30 -33.62
N LYS A 769 13.48 -7.33 -33.85
CA LYS A 769 13.17 -8.32 -34.85
C LYS A 769 11.92 -9.14 -34.51
N GLU A 770 11.81 -9.56 -33.24
CA GLU A 770 10.81 -10.58 -32.87
C GLU A 770 9.55 -10.03 -32.19
N PHE A 771 9.56 -8.75 -31.85
CA PHE A 771 8.57 -8.23 -30.92
C PHE A 771 7.11 -8.28 -31.40
N ARG A 772 6.89 -8.47 -32.70
CA ARG A 772 5.54 -8.47 -33.26
CA ARG A 772 5.54 -8.46 -33.24
C ARG A 772 4.79 -9.74 -32.91
N GLN A 773 5.50 -10.70 -32.34
CA GLN A 773 4.88 -11.98 -32.00
C GLN A 773 4.38 -12.00 -30.57
N LEU A 774 4.66 -10.93 -29.83
CA LEU A 774 4.22 -10.82 -28.43
C LEU A 774 2.70 -10.77 -28.31
N ASN A 775 2.16 -11.46 -27.31
CA ASN A 775 0.72 -11.45 -27.11
C ASN A 775 0.18 -10.01 -26.95
N TYR A 776 -0.95 -9.73 -27.56
CA TYR A 776 -1.45 -8.36 -27.56
C TYR A 776 -1.57 -7.76 -26.16
N ILE A 777 -2.02 -8.55 -25.18
CA ILE A 777 -2.21 -8.02 -23.84
C ILE A 777 -0.88 -7.55 -23.24
N SER A 778 0.18 -8.29 -23.55
CA SER A 778 1.49 -7.94 -23.02
C SER A 778 2.08 -6.68 -23.64
N ILE A 779 1.56 -6.24 -24.79
CA ILE A 779 2.08 -5.01 -25.38
C ILE A 779 1.09 -3.83 -25.26
N ALA A 780 -0.02 -4.07 -24.57
CA ALA A 780 -0.99 -3.01 -24.35
C ALA A 780 -0.53 -2.05 -23.24
N SER A 781 -0.72 -0.75 -23.46
CA SER A 781 -0.50 0.24 -22.42
C SER A 781 -1.66 0.13 -21.43
N VAL A 782 -1.51 0.73 -20.25
CA VAL A 782 -2.60 0.77 -19.27
C VAL A 782 -2.82 2.21 -18.80
N SER A 783 -4.08 2.60 -18.63
CA SER A 783 -4.36 3.89 -18.04
C SER A 783 -5.62 3.82 -17.17
N SER A 784 -5.74 4.74 -16.21
CA SER A 784 -6.98 4.94 -15.47
C SER A 784 -7.98 5.68 -16.36
N ALA A 785 -9.25 5.35 -16.24
CA ALA A 785 -10.30 5.90 -17.10
C ALA A 785 -11.22 6.88 -16.37
N ASN A 786 -10.78 8.12 -16.20
CA ASN A 786 -11.54 9.10 -15.43
C ASN A 786 -12.25 10.10 -16.34
N ASN A 787 -13.41 10.58 -15.89
CA ASN A 787 -14.18 11.56 -16.65
C ASN A 787 -14.39 11.17 -18.12
N ILE A 788 -14.75 9.92 -18.36
CA ILE A 788 -15.08 9.49 -19.71
C ILE A 788 -16.16 10.41 -20.28
N ALA A 789 -17.22 10.64 -19.50
CA ALA A 789 -18.34 11.42 -19.98
C ALA A 789 -17.94 12.86 -20.33
N LYS A 790 -17.12 13.45 -19.49
CA LYS A 790 -16.62 14.81 -19.71
C LYS A 790 -16.16 15.01 -21.16
N TYR A 791 -15.61 13.96 -21.76
CA TYR A 791 -14.99 14.07 -23.07
C TYR A 791 -15.78 13.33 -24.15
N ASP A 792 -16.96 12.84 -23.80
CA ASP A 792 -17.83 12.14 -24.75
C ASP A 792 -18.82 13.12 -25.42
N VAL A 793 -18.64 13.36 -26.71
CA VAL A 793 -19.52 14.25 -27.48
C VAL A 793 -20.15 13.51 -28.66
N GLY A 794 -21.32 12.92 -28.42
CA GLY A 794 -22.01 12.16 -29.44
C GLY A 794 -21.27 10.88 -29.81
N GLY A 795 -20.62 10.26 -28.83
CA GLY A 795 -19.86 9.05 -29.10
C GLY A 795 -18.44 9.35 -29.55
N PHE A 796 -18.13 10.64 -29.74
CA PHE A 796 -16.81 11.03 -30.25
C PHE A 796 -16.06 11.96 -29.31
N PRO A 797 -14.73 12.07 -29.50
CA PRO A 797 -13.90 12.83 -28.56
C PRO A 797 -14.20 14.32 -28.54
N GLY A 798 -14.60 14.83 -27.37
CA GLY A 798 -14.75 16.25 -27.18
C GLY A 798 -13.41 16.93 -27.20
N PRO A 799 -13.37 18.23 -26.88
CA PRO A 799 -12.12 18.97 -26.90
C PRO A 799 -11.11 18.43 -25.88
N LYS A 800 -9.86 18.31 -26.29
CA LYS A 800 -8.79 17.97 -25.37
C LYS A 800 -8.92 16.55 -24.79
N CYS A 801 -9.75 15.74 -25.42
CA CYS A 801 -9.93 14.35 -25.02
C CYS A 801 -8.59 13.63 -24.92
N PRO A 802 -8.28 13.05 -23.75
CA PRO A 802 -7.04 12.30 -23.54
C PRO A 802 -6.97 11.07 -24.44
N PHE A 803 -5.77 10.68 -24.86
CA PHE A 803 -5.55 9.49 -25.70
C PHE A 803 -6.34 8.26 -25.22
N HIS A 804 -6.18 7.86 -23.96
CA HIS A 804 -6.86 6.64 -23.51
C HIS A 804 -8.38 6.78 -23.54
N ILE A 805 -8.86 7.99 -23.26
CA ILE A 805 -10.29 8.23 -23.25
C ILE A 805 -10.83 8.12 -24.67
N ARG A 806 -10.10 8.69 -25.63
CA ARG A 806 -10.41 8.48 -27.04
C ARG A 806 -10.59 7.01 -27.36
N GLY A 807 -9.69 6.18 -26.83
CA GLY A 807 -9.73 4.75 -27.11
C GLY A 807 -10.96 4.09 -26.54
N ILE A 808 -11.40 4.57 -25.39
CA ILE A 808 -12.63 4.07 -24.78
C ILE A 808 -13.84 4.37 -25.67
N LEU A 809 -13.92 5.61 -26.13
CA LEU A 809 -14.98 6.00 -27.07
C LEU A 809 -14.95 5.13 -28.33
N THR A 810 -13.76 4.89 -28.85
CA THR A 810 -13.62 3.99 -30.00
C THR A 810 -14.22 2.63 -29.66
N TYR A 811 -13.98 2.18 -28.44
CA TYR A 811 -14.53 0.90 -27.97
C TYR A 811 -16.06 0.93 -27.92
N ASN A 812 -16.60 1.90 -27.19
CA ASN A 812 -18.05 2.03 -27.03
C ASN A 812 -18.81 2.04 -28.37
N ARG A 813 -18.25 2.70 -29.39
CA ARG A 813 -18.86 2.69 -30.71
C ARG A 813 -18.82 1.29 -31.35
N ALA A 814 -17.69 0.61 -31.22
CA ALA A 814 -17.53 -0.73 -31.77
C ALA A 814 -18.44 -1.79 -31.15
N ILE A 815 -18.88 -1.56 -29.92
CA ILE A 815 -19.72 -2.55 -29.23
C ILE A 815 -21.15 -2.06 -29.06
N LYS A 816 -21.43 -0.88 -29.58
CA LYS A 816 -22.77 -0.30 -29.49
C LYS A 816 -23.80 -1.38 -29.78
N GLY A 817 -24.82 -1.48 -28.91
CA GLY A 817 -25.92 -2.41 -29.13
C GLY A 817 -25.64 -3.88 -28.89
N ASN A 818 -24.58 -4.17 -28.14
CA ASN A 818 -24.35 -5.52 -27.66
C ASN A 818 -24.50 -5.54 -26.16
N ILE A 819 -25.74 -5.61 -25.68
CA ILE A 819 -26.01 -5.52 -24.24
C ILE A 819 -25.06 -6.40 -23.42
N ASP A 820 -24.60 -7.48 -24.04
CA ASP A 820 -23.75 -8.47 -23.39
C ASP A 820 -22.28 -8.06 -23.26
N ALA A 821 -21.78 -7.26 -24.19
CA ALA A 821 -20.37 -6.88 -24.24
C ALA A 821 -19.91 -6.13 -22.99
N PRO A 822 -18.68 -6.40 -22.52
CA PRO A 822 -18.07 -5.80 -21.33
C PRO A 822 -18.01 -4.29 -21.42
N GLN A 823 -18.54 -3.61 -20.41
CA GLN A 823 -18.55 -2.14 -20.40
C GLN A 823 -17.35 -1.60 -19.65
N VAL A 824 -16.83 -0.45 -20.09
CA VAL A 824 -15.71 0.17 -19.39
C VAL A 824 -16.26 0.94 -18.19
N VAL A 825 -15.74 0.66 -17.01
CA VAL A 825 -16.24 1.29 -15.79
C VAL A 825 -15.53 2.61 -15.46
N GLU A 826 -16.31 3.66 -15.28
CA GLU A 826 -15.74 4.93 -14.86
C GLU A 826 -14.80 4.73 -13.70
N GLY A 827 -13.60 5.28 -13.81
CA GLY A 827 -12.64 5.27 -12.72
C GLY A 827 -11.72 4.06 -12.67
N GLU A 828 -12.10 2.98 -13.37
CA GLU A 828 -11.30 1.76 -13.36
C GLU A 828 -10.27 1.78 -14.49
N LYS A 829 -9.47 0.75 -14.64
CA LYS A 829 -8.36 0.85 -15.59
C LYS A 829 -8.59 0.16 -16.93
N VAL A 830 -7.90 0.65 -17.96
CA VAL A 830 -8.07 0.10 -19.29
C VAL A 830 -6.72 -0.25 -19.93
N TYR A 831 -6.70 -1.33 -20.73
CA TYR A 831 -5.63 -1.58 -21.66
C TYR A 831 -5.91 -0.67 -22.82
N VAL A 832 -4.86 -0.18 -23.49
CA VAL A 832 -4.95 0.72 -24.64
C VAL A 832 -4.02 0.25 -25.74
N LEU A 833 -4.52 0.22 -26.97
CA LEU A 833 -3.68 -0.14 -28.11
C LEU A 833 -3.88 0.84 -29.26
N PRO A 834 -2.80 1.23 -29.96
CA PRO A 834 -2.90 2.08 -31.15
C PRO A 834 -3.32 1.27 -32.36
N LEU A 835 -4.11 1.87 -33.23
CA LEU A 835 -4.60 1.18 -34.43
C LEU A 835 -4.01 1.77 -35.72
N ARG A 836 -3.70 0.93 -36.71
CA ARG A 836 -3.12 1.42 -37.97
C ARG A 836 -4.11 2.32 -38.74
N GLU A 837 -3.57 3.21 -39.55
CA GLU A 837 -4.38 4.12 -40.36
C GLU A 837 -5.34 3.35 -41.26
N GLY A 838 -6.59 3.80 -41.36
CA GLY A 838 -7.55 3.15 -42.23
C GLY A 838 -8.18 1.90 -41.64
N ASN A 839 -8.16 1.80 -40.31
CA ASN A 839 -8.80 0.70 -39.61
C ASN A 839 -10.31 0.91 -39.48
N PRO A 840 -11.10 -0.19 -39.44
CA PRO A 840 -12.56 -0.09 -39.41
C PRO A 840 -13.16 0.60 -38.17
N PHE A 841 -12.35 0.91 -37.16
CA PHE A 841 -12.88 1.49 -35.92
C PHE A 841 -13.00 3.01 -36.00
N GLY A 842 -12.39 3.58 -37.02
CA GLY A 842 -12.50 5.02 -37.26
C GLY A 842 -11.79 5.86 -36.21
N ASP A 843 -10.71 5.32 -35.65
CA ASP A 843 -9.83 6.13 -34.81
C ASP A 843 -8.46 5.49 -34.63
N LYS A 844 -7.58 6.19 -33.92
CA LYS A 844 -6.16 5.83 -33.86
C LYS A 844 -5.79 4.96 -32.65
N CYS A 845 -6.77 4.64 -31.81
CA CYS A 845 -6.52 3.74 -30.69
C CYS A 845 -7.83 3.15 -30.22
N ILE A 846 -7.75 2.13 -29.37
CA ILE A 846 -8.96 1.56 -28.80
C ILE A 846 -8.62 1.06 -27.39
N ALA A 847 -9.59 1.10 -26.49
CA ALA A 847 -9.36 0.76 -25.07
C ALA A 847 -10.39 -0.21 -24.57
N TRP A 848 -9.99 -1.09 -23.64
CA TRP A 848 -10.94 -2.00 -23.01
C TRP A 848 -10.60 -2.28 -21.52
N PRO A 849 -11.56 -2.81 -20.76
CA PRO A 849 -11.27 -3.04 -19.33
C PRO A 849 -10.01 -3.87 -19.15
N SER A 850 -9.09 -3.36 -18.34
CA SER A 850 -7.87 -4.07 -18.01
C SER A 850 -8.18 -5.37 -17.28
N GLY A 851 -7.24 -6.30 -17.31
CA GLY A 851 -7.38 -7.56 -16.62
C GLY A 851 -8.21 -8.56 -17.41
N THR A 852 -8.55 -8.19 -18.65
CA THR A 852 -9.48 -9.00 -19.43
C THR A 852 -9.09 -9.13 -20.89
N GLU A 853 -9.48 -10.25 -21.50
CA GLU A 853 -9.40 -10.42 -22.94
C GLU A 853 -10.40 -9.47 -23.55
N ILE A 854 -10.05 -8.84 -24.67
CA ILE A 854 -11.02 -8.00 -25.34
C ILE A 854 -12.17 -8.86 -25.89
N THR A 855 -13.42 -8.40 -25.82
CA THR A 855 -14.56 -9.22 -26.24
C THR A 855 -14.41 -9.84 -27.62
N ASP A 856 -14.81 -11.10 -27.76
CA ASP A 856 -14.67 -11.80 -29.05
C ASP A 856 -15.34 -11.04 -30.20
N LEU A 857 -16.35 -10.23 -29.89
CA LEU A 857 -17.05 -9.45 -30.91
C LEU A 857 -16.07 -8.71 -31.82
N ILE A 858 -15.00 -8.17 -31.25
CA ILE A 858 -14.09 -7.30 -31.99
C ILE A 858 -12.61 -7.72 -31.90
N LYS A 859 -12.32 -8.74 -31.11
CA LYS A 859 -10.92 -9.12 -30.87
C LYS A 859 -10.09 -9.35 -32.13
N ASP A 860 -10.60 -10.16 -33.05
CA ASP A 860 -9.86 -10.47 -34.27
C ASP A 860 -9.51 -9.21 -35.08
N ASP A 861 -10.48 -8.32 -35.22
CA ASP A 861 -10.28 -7.06 -35.92
C ASP A 861 -9.22 -6.19 -35.24
N VAL A 862 -9.21 -6.19 -33.91
CA VAL A 862 -8.26 -5.40 -33.15
C VAL A 862 -6.84 -5.91 -33.37
N LEU A 863 -6.68 -7.22 -33.30
CA LEU A 863 -5.39 -7.86 -33.54
C LEU A 863 -4.87 -7.57 -34.96
N HIS A 864 -5.76 -7.61 -35.94
CA HIS A 864 -5.35 -7.36 -37.33
C HIS A 864 -4.84 -5.92 -37.43
N TRP A 865 -5.49 -5.01 -36.72
CA TRP A 865 -5.21 -3.60 -36.93
C TRP A 865 -4.28 -2.93 -35.92
N MET A 866 -3.83 -3.68 -34.90
CA MET A 866 -2.88 -3.12 -33.94
C MET A 866 -1.78 -2.44 -34.70
N ASP A 867 -1.26 -1.36 -34.15
CA ASP A 867 -0.16 -0.65 -34.80
C ASP A 867 1.15 -0.98 -34.09
N TYR A 868 1.79 -2.08 -34.50
CA TYR A 868 3.04 -2.50 -33.87
C TYR A 868 4.14 -1.45 -34.01
N THR A 869 4.13 -0.70 -35.10
CA THR A 869 5.16 0.32 -35.32
C THR A 869 5.08 1.45 -34.28
N VAL A 870 3.88 1.91 -34.00
CA VAL A 870 3.72 2.99 -33.03
C VAL A 870 4.00 2.47 -31.63
N LEU A 871 3.39 1.33 -31.32
CA LEU A 871 3.61 0.68 -30.04
C LEU A 871 5.09 0.62 -29.73
N LEU A 872 5.88 0.14 -30.68
CA LEU A 872 7.31 -0.02 -30.47
C LEU A 872 8.09 1.27 -30.29
N GLU A 873 7.86 2.22 -31.19
CA GLU A 873 8.59 3.50 -31.19
CA GLU A 873 8.61 3.47 -31.17
C GLU A 873 8.19 4.36 -30.00
N LYS A 874 6.91 4.33 -29.66
CA LYS A 874 6.38 5.16 -28.60
C LYS A 874 6.56 4.60 -27.21
N THR A 875 6.38 3.29 -27.03
CA THR A 875 6.46 2.75 -25.68
C THR A 875 7.85 2.23 -25.36
N PHE A 876 8.61 1.81 -26.38
CA PHE A 876 9.90 1.15 -26.15
C PHE A 876 11.11 2.02 -26.57
N ILE A 877 11.18 2.40 -27.84
CA ILE A 877 12.34 3.16 -28.30
C ILE A 877 12.50 4.52 -27.62
N LYS A 878 11.44 5.33 -27.56
CA LYS A 878 11.55 6.64 -26.90
C LYS A 878 12.15 6.56 -25.48
N PRO A 879 11.54 5.75 -24.58
CA PRO A 879 12.14 5.55 -23.25
C PRO A 879 13.58 5.06 -23.35
N LEU A 880 13.82 4.06 -24.19
CA LEU A 880 15.17 3.51 -24.34
C LEU A 880 16.17 4.58 -24.76
N GLU A 881 15.75 5.41 -25.70
CA GLU A 881 16.57 6.55 -26.14
C GLU A 881 16.93 7.43 -24.93
N GLY A 882 15.93 7.70 -24.10
CA GLY A 882 16.14 8.53 -22.92
C GLY A 882 17.19 7.94 -22.01
N PHE A 883 17.11 6.64 -21.74
CA PHE A 883 18.08 5.99 -20.86
C PHE A 883 19.50 6.11 -21.41
N THR A 884 19.64 5.88 -22.70
CA THR A 884 20.98 5.62 -23.24
C THR A 884 21.72 6.91 -23.51
N SER A 885 21.01 7.93 -23.97
CA SER A 885 21.62 9.24 -24.11
C SER A 885 22.10 9.72 -22.73
N ALA A 886 21.27 9.53 -21.71
CA ALA A 886 21.66 9.85 -20.34
C ALA A 886 23.01 9.21 -20.00
N ALA A 887 23.15 7.93 -20.32
CA ALA A 887 24.34 7.17 -19.93
C ALA A 887 25.49 7.29 -20.94
N LYS A 888 25.26 7.98 -22.04
CA LYS A 888 26.30 8.18 -23.06
C LYS A 888 26.59 6.91 -23.87
N LEU A 889 25.55 6.16 -24.21
N LEU A 889 25.54 6.16 -24.19
CA LEU A 889 25.75 4.98 -25.05
CA LEU A 889 25.66 4.94 -24.98
C LEU A 889 24.65 4.84 -26.09
C LEU A 889 24.84 5.05 -26.27
N ASP A 890 24.90 4.01 -27.09
CA ASP A 890 24.01 3.89 -28.24
C ASP A 890 23.38 2.50 -28.24
N TYR A 891 22.10 2.43 -28.58
CA TYR A 891 21.41 1.14 -28.60
C TYR A 891 21.47 0.51 -30.00
N GLU A 892 21.97 1.29 -30.96
CA GLU A 892 22.25 0.84 -32.32
C GLU A 892 23.66 1.30 -32.69
N LYS A 893 24.40 0.49 -33.46
CA LYS A 893 25.73 0.89 -33.92
C LYS A 893 25.64 2.03 -34.92
N LYS A 894 26.22 3.18 -34.57
CA LYS A 894 26.25 4.34 -35.45
C LYS A 894 27.00 4.01 -36.73
N ALA A 895 26.66 4.71 -37.81
CA ALA A 895 27.37 4.56 -39.07
C ALA A 895 28.74 5.23 -38.95
N SER A 896 29.79 4.51 -39.37
CA SER A 896 31.17 4.98 -39.24
C SER A 896 31.97 4.84 -40.55
N LEU A 897 33.19 5.37 -40.54
CA LEU A 897 34.09 5.25 -41.69
C LEU A 897 34.40 3.79 -42.05
N PHE A 898 34.38 2.91 -41.05
CA PHE A 898 34.69 1.51 -41.28
C PHE A 898 33.68 0.85 -42.22
N ASP A 899 32.53 1.46 -42.38
CA ASP A 899 31.46 0.89 -43.19
C ASP A 899 31.92 0.64 -44.62
N MET A 900 32.97 1.36 -45.02
CA MET A 900 33.51 1.30 -46.39
C MET A 900 34.32 0.03 -46.66
N PHE A 901 34.56 -0.76 -45.61
CA PHE A 901 35.30 -2.03 -45.70
C PHE A 901 34.37 -3.23 -45.62
N ASP A 902 34.88 -4.43 -45.91
CA ASP A 902 34.13 -5.70 -45.73
C ASP A 902 34.79 -6.60 -44.67
PA TTP D . 11.49 7.75 3.25
O1A TTP D . 13.09 7.90 3.36
O2A TTP D . 11.20 6.88 2.08
O3A TTP D . 10.83 7.00 4.53
PB TTP D . 11.37 7.39 6.00
O1B TTP D . 12.70 8.29 5.98
O2B TTP D . 10.30 8.13 6.70
O3B TTP D . 11.58 6.02 6.84
PG TTP D . 12.79 5.08 6.36
O1G TTP D . 13.59 4.65 7.68
O2G TTP D . 13.70 5.75 5.39
O3G TTP D . 12.19 3.75 5.69
O5' TTP D . 10.78 9.18 2.98
C5' TTP D . 11.41 10.19 3.76
C4' TTP D . 10.36 11.21 4.23
O4' TTP D . 9.44 11.58 3.15
C3' TTP D . 9.42 10.60 5.29
O3' TTP D . 10.02 10.61 6.59
C2' TTP D . 8.25 11.62 5.22
C1' TTP D . 8.13 11.80 3.70
N1 TTP D . 7.18 10.79 3.21
C2 TTP D . 5.87 11.06 3.29
O2 TTP D . 5.50 12.11 3.74
N3 TTP D . 4.95 10.17 2.87
C4 TTP D . 5.34 8.98 2.36
O4 TTP D . 4.51 8.18 1.98
C5 TTP D . 6.72 8.68 2.27
C5M TTP D . 7.18 7.36 1.70
C6 TTP D . 7.61 9.60 2.71
CA CA E . 14.54 7.77 5.02
CA CA F . 25.02 -28.39 0.39
CA CA G . -38.69 -25.81 -1.27
NA NA H . 18.41 3.05 6.54
NA NA I . 24.64 4.70 12.25
NA NA J . -3.55 -28.36 -12.98
NA NA K . 14.82 8.27 1.53
#